data_8JQK
#
_entry.id   8JQK
#
_cell.length_a   46.740
_cell.length_b   144.600
_cell.length_c   48.190
_cell.angle_alpha   90.00
_cell.angle_beta   90.03
_cell.angle_gamma   90.00
#
_symmetry.space_group_name_H-M   'P 1 21 1'
#
loop_
_entity.id
_entity.type
_entity.pdbx_description
1 polymer 'Aldehyde reductase 2'
2 water water
#
_entity_poly.entity_id   1
_entity_poly.type   'polypeptide(L)'
_entity_poly.pdbx_seq_one_letter_code
;MAKIDNAVLPEGSLVLVTGANGFVASHVVEQLLEHGYKVRGTARSASKLANLQKRWDAKYPGRFETAVVEDMLKQGAYDE
VIKGAAGVAHIASVVSFSNKYDEVVTPAIGGTLNALRAAAATPSVKRFVLTSSTVSALIPKPNVEGIYLDEKSWNLESID
KAKTLPESDPQKSLWVYAASKTEAELAAWKFMDENKPHFTLNAVLPNYTIGTIFDPETQSGSTSGWMMSLFNGEVSPALA
LFPPTYYVSAVDIGLLHLGCLVLPQIERRRVYGTAGTFDWNTVLATFRKLYPSKTFPADFPDQGQDLSKFDTAPSLEILK
SLGRPGWRSIEESIKDLVGSETAIQ
;
_entity_poly.pdbx_strand_id   A,B
#
# COMPACT_ATOMS: atom_id res chain seq x y z
N ASP A 5 23.44 16.39 6.34
CA ASP A 5 24.00 16.92 7.57
C ASP A 5 24.80 15.85 8.32
N ASN A 6 25.97 16.26 8.84
CA ASN A 6 26.87 15.39 9.59
C ASN A 6 27.40 14.23 8.74
N ALA A 7 27.42 14.41 7.43
CA ALA A 7 27.98 13.40 6.54
C ALA A 7 29.42 13.11 6.93
N VAL A 8 29.79 11.83 6.88
CA VAL A 8 31.14 11.43 7.24
C VAL A 8 32.13 11.68 6.10
N LEU A 9 31.65 11.79 4.85
CA LEU A 9 32.44 12.18 3.68
C LEU A 9 32.14 13.63 3.33
N PRO A 10 33.15 14.50 3.23
CA PRO A 10 32.86 15.93 2.99
C PRO A 10 32.06 16.14 1.71
N GLU A 11 31.21 17.16 1.72
CA GLU A 11 30.45 17.49 0.53
C GLU A 11 31.40 17.80 -0.61
N GLY A 12 31.10 17.26 -1.78
CA GLY A 12 31.99 17.38 -2.94
C GLY A 12 33.09 16.35 -3.01
N SER A 13 33.15 15.41 -2.07
CA SER A 13 34.16 14.37 -2.07
C SER A 13 34.03 13.47 -3.30
N LEU A 14 35.11 12.73 -3.56
CA LEU A 14 35.19 11.82 -4.70
C LEU A 14 34.91 10.39 -4.24
N VAL A 15 34.02 9.71 -4.95
CA VAL A 15 33.69 8.32 -4.70
C VAL A 15 34.06 7.51 -5.93
N LEU A 16 34.78 6.40 -5.72
CA LEU A 16 35.07 5.46 -6.79
C LEU A 16 33.92 4.45 -6.87
N VAL A 17 33.29 4.34 -8.02
CA VAL A 17 32.24 3.35 -8.24
C VAL A 17 32.75 2.35 -9.27
N THR A 18 32.96 1.11 -8.86
CA THR A 18 33.43 0.09 -9.79
C THR A 18 32.26 -0.49 -10.58
N GLY A 19 32.55 -0.91 -11.81
CA GLY A 19 31.51 -1.43 -12.68
C GLY A 19 30.39 -0.44 -12.93
N ALA A 20 30.73 0.84 -13.05
CA ALA A 20 29.74 1.91 -13.08
C ALA A 20 28.82 1.84 -14.28
N ASN A 21 29.14 1.02 -15.29
CA ASN A 21 28.26 0.85 -16.44
C ASN A 21 27.05 -0.02 -16.14
N GLY A 22 27.09 -0.81 -15.06
CA GLY A 22 25.98 -1.69 -14.74
C GLY A 22 24.74 -0.92 -14.35
N PHE A 23 23.59 -1.59 -14.48
CA PHE A 23 22.32 -0.92 -14.25
C PHE A 23 22.23 -0.41 -12.80
N VAL A 24 22.41 -1.30 -11.83
CA VAL A 24 22.36 -0.88 -10.43
C VAL A 24 23.45 0.15 -10.14
N ALA A 25 24.68 -0.14 -10.56
CA ALA A 25 25.79 0.78 -10.31
C ALA A 25 25.51 2.17 -10.86
N SER A 26 24.90 2.25 -12.04
CA SER A 26 24.62 3.55 -12.64
C SER A 26 23.63 4.35 -11.81
N HIS A 27 22.75 3.68 -11.08
CA HIS A 27 21.86 4.40 -10.16
C HIS A 27 22.57 4.84 -8.89
N VAL A 28 23.53 4.04 -8.40
CA VAL A 28 24.41 4.50 -7.33
C VAL A 28 25.13 5.77 -7.75
N VAL A 29 25.72 5.75 -8.96
CA VAL A 29 26.43 6.92 -9.49
C VAL A 29 25.50 8.11 -9.57
N GLU A 30 24.31 7.91 -10.15
CA GLU A 30 23.39 9.03 -10.35
C GLU A 30 23.00 9.69 -9.03
N GLN A 31 22.76 8.88 -7.99
CA GLN A 31 22.38 9.46 -6.71
C GLN A 31 23.56 10.17 -6.03
N LEU A 32 24.78 9.67 -6.23
CA LEU A 32 25.95 10.39 -5.72
C LEU A 32 26.11 11.73 -6.41
N LEU A 33 26.05 11.74 -7.74
CA LEU A 33 26.15 12.97 -8.50
C LEU A 33 25.03 13.94 -8.14
N GLU A 34 23.81 13.41 -7.99
CA GLU A 34 22.67 14.24 -7.60
C GLU A 34 22.89 14.94 -6.27
N HIS A 35 23.70 14.37 -5.38
CA HIS A 35 23.91 14.94 -4.06
C HIS A 35 25.24 15.66 -3.96
N GLY A 36 25.81 16.09 -5.09
CA GLY A 36 26.94 16.97 -5.10
C GLY A 36 28.29 16.31 -4.95
N TYR A 37 28.35 14.99 -5.05
CA TYR A 37 29.62 14.27 -4.95
C TYR A 37 30.20 14.06 -6.33
N LYS A 38 31.53 14.00 -6.37
CA LYS A 38 32.23 13.64 -7.59
C LYS A 38 32.35 12.13 -7.66
N VAL A 39 32.26 11.58 -8.87
CA VAL A 39 32.32 10.14 -9.07
C VAL A 39 33.36 9.82 -10.12
N ARG A 40 34.20 8.83 -9.83
CA ARG A 40 35.04 8.19 -10.81
C ARG A 40 34.47 6.79 -11.00
N GLY A 41 34.02 6.46 -12.20
CA GLY A 41 33.37 5.19 -12.48
C GLY A 41 34.21 4.33 -13.41
N THR A 42 34.45 3.08 -12.99
CA THR A 42 35.26 2.15 -13.76
C THR A 42 34.40 1.26 -14.65
N ALA A 43 35.00 0.81 -15.74
CA ALA A 43 34.41 -0.17 -16.62
C ALA A 43 35.53 -0.94 -17.32
N ARG A 44 35.20 -2.14 -17.84
CA ARG A 44 36.18 -2.98 -18.52
C ARG A 44 36.67 -2.36 -19.82
N SER A 45 35.88 -1.47 -20.41
CA SER A 45 36.27 -0.73 -21.60
C SER A 45 35.58 0.63 -21.58
N ALA A 46 36.20 1.60 -22.25
CA ALA A 46 35.59 2.93 -22.34
C ALA A 46 34.25 2.87 -23.06
N SER A 47 34.14 1.99 -24.05
CA SER A 47 32.88 1.89 -24.81
C SER A 47 31.70 1.58 -23.90
N LYS A 48 31.90 0.78 -22.85
CA LYS A 48 30.77 0.45 -22.00
C LYS A 48 30.24 1.66 -21.24
N LEU A 49 31.06 2.71 -21.07
CA LEU A 49 30.63 3.89 -20.35
C LEU A 49 30.36 5.10 -21.23
N ALA A 50 30.63 5.03 -22.54
CA ALA A 50 30.54 6.21 -23.40
C ALA A 50 29.16 6.85 -23.32
N ASN A 51 28.11 6.03 -23.47
CA ASN A 51 26.75 6.58 -23.43
C ASN A 51 26.44 7.19 -22.07
N LEU A 52 26.76 6.47 -20.99
CA LEU A 52 26.51 7.00 -19.66
C LEU A 52 27.35 8.23 -19.37
N GLN A 53 28.59 8.23 -19.88
CA GLN A 53 29.43 9.42 -19.73
C GLN A 53 28.80 10.61 -20.41
N LYS A 54 28.18 10.39 -21.58
CA LYS A 54 27.49 11.48 -22.26
C LYS A 54 26.28 11.96 -21.46
N ARG A 55 25.53 11.03 -20.85
CA ARG A 55 24.37 11.46 -20.08
C ARG A 55 24.80 12.26 -18.86
N TRP A 56 25.81 11.78 -18.14
CA TRP A 56 26.24 12.47 -16.93
C TRP A 56 27.01 13.74 -17.25
N ASP A 57 27.66 13.80 -18.41
CA ASP A 57 28.26 15.06 -18.86
C ASP A 57 27.20 16.11 -19.13
N ALA A 58 26.02 15.69 -19.58
CA ALA A 58 24.92 16.62 -19.82
C ALA A 58 24.22 16.99 -18.52
N LYS A 59 23.91 16.00 -17.68
CA LYS A 59 23.10 16.22 -16.47
C LYS A 59 23.90 16.86 -15.34
N TYR A 60 25.15 16.43 -15.15
CA TYR A 60 26.00 16.87 -14.05
C TYR A 60 27.38 17.21 -14.60
N PRO A 61 27.51 18.34 -15.29
CA PRO A 61 28.75 18.61 -16.04
C PRO A 61 29.99 18.64 -15.15
N GLY A 62 31.02 17.92 -15.58
CA GLY A 62 32.31 17.92 -14.91
C GLY A 62 32.39 17.12 -13.64
N ARG A 63 31.38 16.33 -13.32
CA ARG A 63 31.35 15.61 -12.04
C ARG A 63 31.61 14.12 -12.17
N PHE A 64 31.47 13.54 -13.36
CA PHE A 64 31.73 12.13 -13.59
C PHE A 64 32.93 11.96 -14.51
N GLU A 65 33.77 10.96 -14.20
CA GLU A 65 34.92 10.64 -15.03
C GLU A 65 35.00 9.13 -15.24
N THR A 66 35.27 8.74 -16.49
CA THR A 66 35.44 7.33 -16.84
C THR A 66 36.86 6.87 -16.54
N ALA A 67 36.99 5.67 -15.99
CA ALA A 67 38.28 5.04 -15.78
C ALA A 67 38.21 3.60 -16.24
N VAL A 68 39.22 3.15 -16.99
CA VAL A 68 39.21 1.80 -17.56
C VAL A 68 40.01 0.88 -16.66
N VAL A 69 39.37 -0.23 -16.26
CA VAL A 69 40.00 -1.28 -15.47
C VAL A 69 39.70 -2.60 -16.18
N GLU A 70 40.65 -3.08 -16.99
CA GLU A 70 40.41 -4.26 -17.81
C GLU A 70 40.32 -5.53 -16.97
N ASP A 71 41.16 -5.64 -15.96
CA ASP A 71 41.22 -6.81 -15.08
C ASP A 71 40.88 -6.37 -13.66
N MET A 72 39.67 -6.69 -13.21
CA MET A 72 39.29 -6.35 -11.84
C MET A 72 40.07 -7.13 -10.79
N LEU A 73 40.70 -8.24 -11.17
CA LEU A 73 41.38 -9.10 -10.20
C LEU A 73 42.85 -8.75 -10.01
N LYS A 74 43.50 -8.20 -11.03
CA LYS A 74 44.94 -7.99 -10.99
C LYS A 74 45.33 -7.02 -9.88
N GLN A 75 46.41 -7.33 -9.17
CA GLN A 75 46.90 -6.47 -8.11
C GLN A 75 47.29 -5.10 -8.67
N GLY A 76 46.89 -4.05 -7.94
CA GLY A 76 47.15 -2.68 -8.37
C GLY A 76 46.13 -2.11 -9.33
N ALA A 77 45.10 -2.86 -9.71
CA ALA A 77 44.14 -2.41 -10.72
C ALA A 77 43.57 -1.03 -10.41
N TYR A 78 43.29 -0.76 -9.15
CA TYR A 78 42.65 0.48 -8.73
C TYR A 78 43.61 1.53 -8.21
N ASP A 79 44.92 1.31 -8.30
CA ASP A 79 45.86 2.19 -7.61
C ASP A 79 45.82 3.61 -8.15
N GLU A 80 45.64 3.77 -9.45
CA GLU A 80 45.54 5.12 -9.98
C GLU A 80 44.13 5.69 -9.75
N VAL A 81 43.10 4.88 -10.02
CA VAL A 81 41.74 5.40 -10.02
C VAL A 81 41.25 5.70 -8.60
N ILE A 82 41.76 4.99 -7.59
CA ILE A 82 41.32 5.21 -6.22
C ILE A 82 41.93 6.47 -5.59
N LYS A 83 42.99 7.03 -6.16
CA LYS A 83 43.69 8.12 -5.49
C LYS A 83 42.78 9.34 -5.34
N GLY A 84 42.70 9.85 -4.11
CA GLY A 84 41.85 10.97 -3.82
C GLY A 84 40.43 10.63 -3.43
N ALA A 85 40.06 9.35 -3.42
CA ALA A 85 38.69 8.97 -3.15
C ALA A 85 38.45 8.90 -1.65
N ALA A 86 37.32 9.47 -1.22
CA ALA A 86 36.89 9.36 0.16
C ALA A 86 35.96 8.17 0.38
N GLY A 87 35.37 7.64 -0.68
CA GLY A 87 34.52 6.48 -0.56
C GLY A 87 34.70 5.59 -1.77
N VAL A 88 34.34 4.32 -1.58
CA VAL A 88 34.37 3.32 -2.64
C VAL A 88 33.04 2.58 -2.61
N ALA A 89 32.42 2.45 -3.78
CA ALA A 89 31.26 1.58 -3.98
C ALA A 89 31.68 0.47 -4.93
N HIS A 90 31.78 -0.75 -4.42
CA HIS A 90 32.10 -1.90 -5.26
C HIS A 90 30.85 -2.74 -5.45
N ILE A 91 30.43 -2.89 -6.71
CA ILE A 91 29.31 -3.73 -7.06
C ILE A 91 29.86 -5.14 -7.30
N ALA A 92 29.42 -6.10 -6.49
CA ALA A 92 29.88 -7.48 -6.61
C ALA A 92 29.06 -8.19 -7.69
N SER A 93 29.29 -7.79 -8.94
CA SER A 93 28.53 -8.38 -10.03
C SER A 93 29.04 -9.77 -10.36
N VAL A 94 28.17 -10.56 -10.97
CA VAL A 94 28.39 -11.99 -11.18
C VAL A 94 28.27 -12.24 -12.68
N VAL A 95 29.32 -12.81 -13.29
CA VAL A 95 29.37 -13.00 -14.73
C VAL A 95 29.04 -14.47 -15.02
N SER A 96 27.86 -14.71 -15.61
CA SER A 96 27.31 -16.04 -15.83
C SER A 96 27.61 -16.60 -17.21
N PHE A 97 28.80 -16.32 -17.73
CA PHE A 97 29.21 -16.95 -18.97
C PHE A 97 29.33 -18.45 -18.85
N SER A 98 29.22 -19.01 -17.64
CA SER A 98 29.52 -20.41 -17.41
C SER A 98 28.62 -20.97 -16.31
N ASN A 99 28.42 -22.28 -16.36
CA ASN A 99 27.74 -22.99 -15.27
C ASN A 99 28.71 -23.48 -14.21
N LYS A 100 30.02 -23.53 -14.50
CA LYS A 100 30.99 -24.07 -13.56
C LYS A 100 31.10 -23.17 -12.35
N TYR A 101 30.87 -23.75 -11.17
CA TYR A 101 30.86 -23.00 -9.92
C TYR A 101 32.13 -22.17 -9.73
N ASP A 102 33.28 -22.80 -9.96
CA ASP A 102 34.56 -22.13 -9.73
C ASP A 102 34.74 -20.93 -10.64
N GLU A 103 34.22 -21.00 -11.87
CA GLU A 103 34.40 -19.91 -12.82
C GLU A 103 33.53 -18.70 -12.51
N VAL A 104 32.44 -18.90 -11.79
CA VAL A 104 31.51 -17.83 -11.44
C VAL A 104 31.81 -17.25 -10.07
N VAL A 105 32.01 -18.12 -9.08
CA VAL A 105 32.14 -17.68 -7.70
C VAL A 105 33.50 -17.01 -7.47
N THR A 106 34.57 -17.62 -7.97
CA THR A 106 35.91 -17.13 -7.67
C THR A 106 36.13 -15.68 -8.12
N PRO A 107 35.81 -15.27 -9.36
CA PRO A 107 35.98 -13.86 -9.71
C PRO A 107 35.15 -12.91 -8.85
N ALA A 108 33.99 -13.35 -8.39
CA ALA A 108 33.15 -12.49 -7.55
C ALA A 108 33.84 -12.17 -6.23
N ILE A 109 34.45 -13.19 -5.61
CA ILE A 109 35.25 -12.97 -4.41
C ILE A 109 36.50 -12.16 -4.74
N GLY A 110 37.22 -12.54 -5.80
CA GLY A 110 38.50 -11.92 -6.09
C GLY A 110 38.38 -10.44 -6.41
N GLY A 111 37.32 -10.05 -7.13
CA GLY A 111 37.09 -8.64 -7.39
C GLY A 111 36.77 -7.87 -6.12
N THR A 112 36.00 -8.49 -5.23
CA THR A 112 35.65 -7.84 -3.96
C THR A 112 36.89 -7.65 -3.09
N LEU A 113 37.71 -8.70 -2.96
CA LEU A 113 38.91 -8.61 -2.15
C LEU A 113 39.90 -7.61 -2.74
N ASN A 114 40.00 -7.54 -4.07
CA ASN A 114 40.90 -6.59 -4.70
C ASN A 114 40.48 -5.16 -4.41
N ALA A 115 39.18 -4.87 -4.55
CA ALA A 115 38.68 -3.54 -4.22
C ALA A 115 38.96 -3.21 -2.75
N LEU A 116 38.75 -4.17 -1.85
CA LEU A 116 38.96 -3.93 -0.43
C LEU A 116 40.44 -3.67 -0.14
N ARG A 117 41.34 -4.40 -0.81
CA ARG A 117 42.77 -4.17 -0.61
C ARG A 117 43.15 -2.77 -1.08
N ALA A 118 42.58 -2.33 -2.21
CA ALA A 118 42.87 -0.99 -2.70
C ALA A 118 42.41 0.06 -1.69
N ALA A 119 41.24 -0.12 -1.10
CA ALA A 119 40.75 0.84 -0.12
C ALA A 119 41.62 0.84 1.13
N ALA A 120 42.07 -0.35 1.56
CA ALA A 120 42.89 -0.45 2.76
C ALA A 120 44.24 0.22 2.59
N ALA A 121 44.77 0.27 1.37
CA ALA A 121 46.04 0.93 1.11
C ALA A 121 45.90 2.41 0.80
N THR A 122 44.68 2.96 0.85
CA THR A 122 44.44 4.36 0.54
C THR A 122 43.83 5.08 1.73
N PRO A 123 44.64 5.85 2.48
CA PRO A 123 44.13 6.49 3.71
C PRO A 123 42.93 7.39 3.48
N SER A 124 42.80 7.99 2.29
CA SER A 124 41.68 8.90 2.03
C SER A 124 40.34 8.19 2.05
N VAL A 125 40.30 6.88 1.83
CA VAL A 125 39.03 6.16 1.80
C VAL A 125 38.55 5.92 3.22
N LYS A 126 37.36 6.43 3.53
CA LYS A 126 36.79 6.32 4.87
C LYS A 126 35.62 5.37 4.94
N ARG A 127 34.90 5.21 3.84
CA ARG A 127 33.71 4.37 3.76
C ARG A 127 33.78 3.52 2.51
N PHE A 128 33.33 2.28 2.64
CA PHE A 128 33.25 1.31 1.57
C PHE A 128 31.87 0.70 1.61
N VAL A 129 31.16 0.68 0.49
CA VAL A 129 29.87 0.02 0.41
C VAL A 129 29.94 -1.07 -0.65
N LEU A 130 29.59 -2.29 -0.24
CA LEU A 130 29.59 -3.45 -1.13
C LEU A 130 28.15 -3.74 -1.55
N THR A 131 27.95 -3.95 -2.85
CA THR A 131 26.64 -4.35 -3.36
C THR A 131 26.55 -5.88 -3.31
N SER A 132 25.81 -6.38 -2.34
CA SER A 132 25.54 -7.80 -2.20
C SER A 132 24.19 -8.12 -2.85
N SER A 133 23.30 -8.86 -2.20
CA SER A 133 21.99 -9.22 -2.73
C SER A 133 21.22 -9.89 -1.60
N THR A 134 19.90 -9.89 -1.71
CA THR A 134 19.10 -10.67 -0.77
C THR A 134 19.40 -12.15 -0.86
N VAL A 135 19.96 -12.62 -1.99
CA VAL A 135 20.33 -14.02 -2.10
C VAL A 135 21.50 -14.39 -1.21
N SER A 136 22.21 -13.39 -0.66
CA SER A 136 23.21 -13.71 0.37
C SER A 136 22.55 -14.04 1.69
N ALA A 137 21.24 -13.81 1.78
CA ALA A 137 20.49 -14.22 2.99
C ALA A 137 19.67 -15.47 2.64
N LEU A 138 18.93 -15.42 1.54
CA LEU A 138 18.06 -16.56 1.15
C LEU A 138 17.74 -16.58 -0.35
N ILE A 139 17.32 -17.73 -0.85
CA ILE A 139 16.82 -17.80 -2.25
C ILE A 139 15.31 -17.76 -2.08
N PRO A 140 14.56 -16.92 -2.82
CA PRO A 140 13.14 -16.81 -2.53
C PRO A 140 12.47 -18.16 -2.81
N LYS A 141 11.65 -18.62 -1.87
CA LYS A 141 10.86 -19.87 -2.11
C LYS A 141 9.41 -19.56 -1.71
N PRO A 142 8.42 -19.85 -2.56
CA PRO A 142 7.03 -19.51 -2.26
C PRO A 142 6.35 -20.30 -1.14
N ASN A 143 5.44 -19.66 -0.40
CA ASN A 143 4.62 -20.35 0.63
C ASN A 143 5.49 -20.98 1.72
N VAL A 144 6.43 -20.23 2.28
CA VAL A 144 7.18 -20.72 3.48
C VAL A 144 6.91 -19.76 4.63
N GLU A 145 6.28 -20.24 5.72
CA GLU A 145 5.96 -19.41 6.88
C GLU A 145 7.18 -19.30 7.79
N GLY A 146 7.17 -18.26 8.61
CA GLY A 146 8.18 -18.11 9.64
C GLY A 146 9.58 -17.79 9.14
N ILE A 147 9.70 -17.15 7.98
CA ILE A 147 10.99 -16.74 7.45
C ILE A 147 11.15 -15.26 7.77
N TYR A 148 12.12 -14.95 8.64
CA TYR A 148 12.48 -13.57 8.95
C TYR A 148 13.96 -13.40 8.67
N LEU A 149 14.28 -12.44 7.81
CA LEU A 149 15.66 -12.18 7.47
C LEU A 149 16.15 -10.96 8.25
N ASP A 150 17.30 -11.12 8.90
CA ASP A 150 17.94 -9.98 9.56
C ASP A 150 19.42 -9.93 9.20
N GLU A 151 20.19 -9.09 9.88
CA GLU A 151 21.58 -8.92 9.48
C GLU A 151 22.46 -10.12 9.82
N LYS A 152 21.93 -11.09 10.55
CA LYS A 152 22.64 -12.34 10.82
C LYS A 152 22.28 -13.45 9.85
N SER A 153 21.32 -13.26 8.94
CA SER A 153 20.89 -14.35 8.07
C SER A 153 21.86 -14.53 6.91
N TRP A 154 22.33 -15.75 6.75
CA TRP A 154 23.29 -16.07 5.70
C TRP A 154 22.81 -17.27 4.90
N ASN A 155 22.96 -17.18 3.58
CA ASN A 155 22.59 -18.26 2.66
C ASN A 155 23.72 -19.28 2.54
N LEU A 156 24.07 -19.89 3.68
CA LEU A 156 25.14 -20.88 3.69
C LEU A 156 24.80 -22.08 2.83
N GLU A 157 23.51 -22.41 2.73
CA GLU A 157 23.06 -23.56 1.96
C GLU A 157 23.41 -23.44 0.48
N SER A 158 23.40 -22.21 -0.06
CA SER A 158 23.61 -22.04 -1.50
C SER A 158 24.96 -22.55 -1.95
N ILE A 159 25.97 -22.51 -1.07
CA ILE A 159 27.32 -22.89 -1.47
C ILE A 159 27.36 -24.34 -1.92
N ASP A 160 26.81 -25.24 -1.11
CA ASP A 160 26.79 -26.66 -1.49
C ASP A 160 25.77 -26.91 -2.60
N LYS A 161 24.59 -26.31 -2.49
CA LYS A 161 23.56 -26.53 -3.51
C LYS A 161 24.05 -26.12 -4.89
N ALA A 162 24.76 -24.99 -4.98
CA ALA A 162 25.20 -24.51 -6.28
C ALA A 162 26.21 -25.45 -6.92
N LYS A 163 26.97 -26.20 -6.12
CA LYS A 163 27.98 -27.08 -6.72
C LYS A 163 27.41 -28.39 -7.23
N THR A 164 26.34 -28.92 -6.62
CA THR A 164 25.91 -30.27 -6.93
C THR A 164 24.51 -30.39 -7.51
N LEU A 165 23.81 -29.27 -7.74
CA LEU A 165 22.49 -29.37 -8.36
C LEU A 165 22.62 -29.95 -9.75
N PRO A 166 21.61 -30.70 -10.21
CA PRO A 166 21.62 -31.17 -11.60
C PRO A 166 21.55 -30.00 -12.57
N GLU A 167 22.19 -30.17 -13.73
CA GLU A 167 22.13 -29.15 -14.77
C GLU A 167 20.69 -28.91 -15.24
N SER A 168 19.86 -29.96 -15.24
CA SER A 168 18.48 -29.80 -15.69
C SER A 168 17.63 -28.98 -14.73
N ASP A 169 18.09 -28.78 -13.50
CA ASP A 169 17.33 -28.01 -12.51
C ASP A 169 17.15 -26.58 -13.00
N PRO A 170 15.91 -26.10 -13.19
CA PRO A 170 15.71 -24.73 -13.67
C PRO A 170 16.28 -23.65 -12.76
N GLN A 171 16.52 -23.94 -11.49
CA GLN A 171 17.01 -22.95 -10.54
C GLN A 171 18.52 -22.95 -10.39
N LYS A 172 19.24 -23.78 -11.16
CA LYS A 172 20.68 -23.95 -10.95
C LYS A 172 21.45 -22.65 -11.09
N SER A 173 21.14 -21.86 -12.12
CA SER A 173 21.83 -20.59 -12.31
C SER A 173 21.58 -19.63 -11.15
N LEU A 174 20.35 -19.61 -10.63
CA LEU A 174 20.05 -18.75 -9.50
C LEU A 174 20.83 -19.16 -8.25
N TRP A 175 21.01 -20.46 -8.05
CA TRP A 175 21.77 -20.92 -6.88
C TRP A 175 23.25 -20.58 -7.01
N VAL A 176 23.81 -20.69 -8.22
CA VAL A 176 25.21 -20.31 -8.42
C VAL A 176 25.38 -18.81 -8.19
N TYR A 177 24.42 -18.02 -8.65
CA TYR A 177 24.44 -16.58 -8.38
C TYR A 177 24.35 -16.30 -6.88
N ALA A 178 23.53 -17.08 -6.16
CA ALA A 178 23.42 -16.93 -4.72
C ALA A 178 24.74 -17.30 -4.03
N ALA A 179 25.39 -18.36 -4.49
CA ALA A 179 26.66 -18.75 -3.91
C ALA A 179 27.73 -17.69 -4.13
N SER A 180 27.76 -17.09 -5.32
CA SER A 180 28.76 -16.05 -5.59
C SER A 180 28.53 -14.85 -4.69
N LYS A 181 27.28 -14.41 -4.56
CA LYS A 181 26.98 -13.26 -3.72
C LYS A 181 27.30 -13.55 -2.25
N THR A 182 26.88 -14.73 -1.76
CA THR A 182 27.15 -15.09 -0.37
C THR A 182 28.66 -15.18 -0.11
N GLU A 183 29.37 -15.91 -0.96
CA GLU A 183 30.82 -16.06 -0.77
C GLU A 183 31.54 -14.72 -0.82
N ALA A 184 31.13 -13.83 -1.73
CA ALA A 184 31.77 -12.53 -1.83
C ALA A 184 31.50 -11.66 -0.61
N GLU A 185 30.25 -11.64 -0.11
CA GLU A 185 29.96 -10.83 1.06
C GLU A 185 30.64 -11.39 2.30
N LEU A 186 30.62 -12.71 2.47
CA LEU A 186 31.36 -13.34 3.56
C LEU A 186 32.83 -12.95 3.51
N ALA A 187 33.44 -13.03 2.33
CA ALA A 187 34.85 -12.67 2.17
C ALA A 187 35.11 -11.22 2.57
N ALA A 188 34.16 -10.33 2.27
CA ALA A 188 34.34 -8.93 2.61
C ALA A 188 34.35 -8.74 4.13
N TRP A 189 33.38 -9.34 4.81
CA TRP A 189 33.31 -9.20 6.27
C TRP A 189 34.51 -9.88 6.94
N LYS A 190 34.92 -11.04 6.42
CA LYS A 190 36.09 -11.72 6.96
C LYS A 190 37.34 -10.88 6.75
N PHE A 191 37.45 -10.20 5.60
CA PHE A 191 38.59 -9.31 5.37
C PHE A 191 38.62 -8.21 6.43
N MET A 192 37.47 -7.62 6.74
CA MET A 192 37.43 -6.55 7.72
C MET A 192 37.89 -7.04 9.09
N ASP A 193 37.50 -8.26 9.46
CA ASP A 193 37.85 -8.77 10.79
C ASP A 193 39.32 -9.18 10.85
N GLU A 194 39.85 -9.74 9.77
CA GLU A 194 41.24 -10.21 9.80
C GLU A 194 42.23 -9.07 9.62
N ASN A 195 41.93 -8.10 8.76
CA ASN A 195 42.87 -7.03 8.45
C ASN A 195 42.63 -5.73 9.21
N LYS A 196 41.46 -5.58 9.85
CA LYS A 196 41.11 -4.42 10.66
C LYS A 196 41.50 -3.11 9.96
N PRO A 197 40.97 -2.84 8.76
CA PRO A 197 41.43 -1.69 8.00
C PRO A 197 40.87 -0.38 8.54
N HIS A 198 41.37 0.72 8.00
CA HIS A 198 41.06 2.04 8.52
C HIS A 198 39.66 2.53 8.14
N PHE A 199 39.01 1.91 7.16
CA PHE A 199 37.70 2.36 6.70
C PHE A 199 36.59 1.49 7.26
N THR A 200 35.36 1.98 7.11
CA THR A 200 34.17 1.32 7.59
C THR A 200 33.45 0.68 6.40
N LEU A 201 32.99 -0.56 6.58
CA LEU A 201 32.28 -1.28 5.53
C LEU A 201 30.79 -1.31 5.84
N ASN A 202 30.00 -1.15 4.78
CA ASN A 202 28.56 -1.39 4.80
C ASN A 202 28.22 -2.20 3.57
N ALA A 203 27.15 -3.00 3.66
CA ALA A 203 26.64 -3.76 2.53
C ALA A 203 25.18 -3.41 2.26
N VAL A 204 24.86 -3.19 0.98
CA VAL A 204 23.48 -3.07 0.53
C VAL A 204 23.09 -4.37 -0.15
N LEU A 205 21.91 -4.89 0.18
CA LEU A 205 21.44 -6.18 -0.30
C LEU A 205 20.15 -5.97 -1.09
N PRO A 206 20.24 -5.56 -2.36
CA PRO A 206 19.02 -5.36 -3.14
C PRO A 206 18.34 -6.68 -3.46
N ASN A 207 17.01 -6.62 -3.61
CA ASN A 207 16.26 -7.75 -4.12
C ASN A 207 16.08 -7.55 -5.61
N TYR A 208 14.84 -7.39 -6.08
CA TYR A 208 14.58 -7.23 -7.51
C TYR A 208 14.43 -5.75 -7.82
N THR A 209 15.44 -5.16 -8.44
CA THR A 209 15.52 -3.72 -8.61
C THR A 209 14.77 -3.28 -9.87
N ILE A 210 13.83 -2.35 -9.69
CA ILE A 210 12.97 -1.86 -10.78
C ILE A 210 13.17 -0.36 -10.92
N GLY A 211 13.57 0.09 -12.10
CA GLY A 211 13.74 1.51 -12.33
C GLY A 211 14.18 1.79 -13.75
N THR A 212 14.42 3.08 -14.00
CA THR A 212 14.79 3.56 -15.32
C THR A 212 16.10 2.94 -15.79
N ILE A 213 16.13 2.50 -17.04
CA ILE A 213 17.36 2.00 -17.67
C ILE A 213 18.00 3.15 -18.44
N PHE A 214 19.13 3.66 -17.93
CA PHE A 214 19.78 4.81 -18.54
C PHE A 214 20.32 4.51 -19.93
N ASP A 215 20.87 3.31 -20.13
CA ASP A 215 21.49 2.92 -21.40
C ASP A 215 20.98 1.55 -21.81
N PRO A 216 19.88 1.50 -22.58
CA PRO A 216 19.27 0.20 -22.91
C PRO A 216 20.19 -0.73 -23.67
N GLU A 217 21.14 -0.19 -24.43
CA GLU A 217 21.98 -1.04 -25.29
C GLU A 217 22.90 -1.93 -24.46
N THR A 218 23.27 -1.48 -23.26
CA THR A 218 24.23 -2.20 -22.44
C THR A 218 23.68 -2.66 -21.09
N GLN A 219 22.55 -2.13 -20.64
CA GLN A 219 22.06 -2.39 -19.29
C GLN A 219 20.83 -3.29 -19.25
N SER A 220 20.52 -3.99 -20.34
CA SER A 220 19.30 -4.78 -20.40
C SER A 220 19.47 -6.17 -19.81
N GLY A 221 20.70 -6.59 -19.52
CA GLY A 221 20.93 -7.87 -18.85
C GLY A 221 20.86 -7.71 -17.35
N SER A 222 19.82 -7.02 -16.90
CA SER A 222 19.60 -6.67 -15.51
C SER A 222 18.16 -7.01 -15.14
N THR A 223 17.85 -6.94 -13.84
CA THR A 223 16.49 -7.17 -13.40
C THR A 223 15.50 -6.30 -14.16
N SER A 224 15.83 -5.00 -14.30
CA SER A 224 14.94 -4.10 -15.02
C SER A 224 14.92 -4.41 -16.51
N GLY A 225 16.07 -4.82 -17.06
CA GLY A 225 16.09 -5.26 -18.45
C GLY A 225 15.16 -6.42 -18.72
N TRP A 226 15.10 -7.38 -17.78
CA TRP A 226 14.18 -8.50 -17.95
C TRP A 226 12.74 -8.03 -17.95
N MET A 227 12.40 -7.10 -17.05
CA MET A 227 11.04 -6.56 -17.05
C MET A 227 10.74 -5.82 -18.34
N MET A 228 11.71 -5.09 -18.88
CA MET A 228 11.47 -4.37 -20.13
C MET A 228 11.20 -5.35 -21.26
N SER A 229 11.89 -6.50 -21.25
CA SER A 229 11.64 -7.51 -22.26
C SER A 229 10.23 -8.08 -22.14
N LEU A 230 9.75 -8.29 -20.90
CA LEU A 230 8.35 -8.70 -20.72
C LEU A 230 7.41 -7.62 -21.26
N PHE A 231 7.65 -6.36 -20.89
CA PHE A 231 6.85 -5.25 -21.41
C PHE A 231 6.74 -5.32 -22.92
N ASN A 232 7.85 -5.61 -23.60
CA ASN A 232 7.87 -5.69 -25.05
C ASN A 232 7.35 -7.02 -25.57
N GLY A 233 6.74 -7.84 -24.71
CA GLY A 233 6.06 -9.03 -25.17
C GLY A 233 6.89 -10.29 -25.20
N GLU A 234 8.13 -10.25 -24.72
CA GLU A 234 8.95 -11.44 -24.66
C GLU A 234 8.68 -12.21 -23.38
N VAL A 235 8.62 -13.53 -23.49
CA VAL A 235 8.50 -14.40 -22.34
C VAL A 235 9.65 -15.37 -22.46
N SER A 236 10.66 -15.20 -21.60
CA SER A 236 11.84 -16.09 -21.62
C SER A 236 12.00 -16.74 -20.24
N PRO A 243 10.85 -17.32 -8.60
CA PRO A 243 9.93 -17.30 -7.46
C PRO A 243 9.40 -15.89 -7.26
N PRO A 244 8.23 -15.75 -6.65
CA PRO A 244 7.81 -14.42 -6.20
C PRO A 244 8.83 -13.88 -5.21
N THR A 245 9.01 -12.57 -5.19
CA THR A 245 10.07 -11.99 -4.38
C THR A 245 9.71 -10.55 -4.04
N TYR A 246 10.65 -9.84 -3.43
CA TYR A 246 10.49 -8.42 -3.14
C TYR A 246 11.05 -7.59 -4.27
N TYR A 247 10.36 -6.49 -4.60
CA TYR A 247 10.88 -5.49 -5.51
C TYR A 247 11.55 -4.37 -4.70
N VAL A 248 12.34 -3.56 -5.37
CA VAL A 248 12.82 -2.31 -4.80
C VAL A 248 13.13 -1.35 -5.94
N SER A 249 12.77 -0.09 -5.75
CA SER A 249 13.03 0.94 -6.74
C SER A 249 14.53 1.19 -6.91
N ALA A 250 14.95 1.42 -8.16
CA ALA A 250 16.37 1.66 -8.42
C ALA A 250 16.87 2.96 -7.80
N VAL A 251 16.01 3.98 -7.73
CA VAL A 251 16.37 5.21 -7.03
C VAL A 251 16.59 4.93 -5.55
N ASP A 252 15.70 4.13 -4.94
CA ASP A 252 15.88 3.74 -3.55
C ASP A 252 17.20 3.01 -3.34
N ILE A 253 17.57 2.12 -4.27
CA ILE A 253 18.83 1.40 -4.12
C ILE A 253 20.01 2.37 -4.17
N GLY A 254 19.95 3.33 -5.08
CA GLY A 254 21.00 4.35 -5.12
C GLY A 254 21.06 5.15 -3.83
N LEU A 255 19.90 5.50 -3.28
CA LEU A 255 19.88 6.20 -1.99
C LEU A 255 20.48 5.33 -0.89
N LEU A 256 20.19 4.02 -0.90
CA LEU A 256 20.73 3.15 0.13
C LEU A 256 22.26 3.10 0.09
N HIS A 257 22.84 3.08 -1.12
CA HIS A 257 24.30 3.11 -1.23
C HIS A 257 24.87 4.45 -0.77
N LEU A 258 24.20 5.54 -1.12
CA LEU A 258 24.66 6.86 -0.68
C LEU A 258 24.65 6.97 0.84
N GLY A 259 23.55 6.54 1.47
CA GLY A 259 23.49 6.53 2.93
C GLY A 259 24.58 5.69 3.55
N CYS A 260 24.82 4.50 2.99
CA CYS A 260 25.91 3.65 3.47
C CYS A 260 27.26 4.33 3.34
N LEU A 261 27.40 5.25 2.38
CA LEU A 261 28.67 5.94 2.17
C LEU A 261 28.84 7.17 3.05
N VAL A 262 27.76 7.89 3.37
CA VAL A 262 27.92 9.18 4.02
C VAL A 262 27.23 9.29 5.38
N LEU A 263 26.31 8.38 5.76
CA LEU A 263 25.55 8.69 6.98
C LEU A 263 26.29 8.19 8.22
N PRO A 264 26.43 9.02 9.26
CA PRO A 264 27.21 8.60 10.42
C PRO A 264 26.56 7.46 11.19
N GLN A 265 25.24 7.31 11.14
CA GLN A 265 24.53 6.31 11.92
C GLN A 265 24.62 4.90 11.33
N ILE A 266 25.28 4.73 10.19
CA ILE A 266 25.27 3.46 9.44
C ILE A 266 26.70 2.93 9.36
N GLU A 267 27.00 1.93 10.19
CA GLU A 267 28.32 1.30 10.20
C GLU A 267 28.19 -0.20 10.41
N ARG A 268 28.90 -0.97 9.58
CA ARG A 268 28.94 -2.43 9.72
C ARG A 268 27.53 -3.03 9.62
N ARG A 269 26.76 -2.54 8.66
CA ARG A 269 25.38 -2.94 8.50
C ARG A 269 25.19 -3.70 7.19
N ARG A 270 24.17 -4.54 7.17
CA ARG A 270 23.70 -5.21 5.95
C ARG A 270 22.30 -4.66 5.69
N VAL A 271 22.15 -3.87 4.64
CA VAL A 271 20.97 -3.04 4.43
C VAL A 271 20.14 -3.64 3.30
N TYR A 272 18.94 -4.08 3.65
CA TYR A 272 18.08 -4.80 2.71
C TYR A 272 17.34 -3.83 1.82
N GLY A 273 17.45 -4.05 0.51
CA GLY A 273 16.61 -3.34 -0.45
C GLY A 273 15.37 -4.16 -0.78
N THR A 274 14.37 -4.13 0.11
CA THR A 274 13.19 -4.99 0.03
C THR A 274 11.95 -4.15 0.36
N ALA A 275 11.34 -3.58 -0.67
CA ALA A 275 10.21 -2.67 -0.44
C ALA A 275 8.90 -3.43 -0.23
N GLY A 276 8.60 -4.37 -1.11
CA GLY A 276 7.36 -5.12 -0.99
C GLY A 276 7.38 -6.30 -1.94
N THR A 277 6.43 -7.21 -1.71
CA THR A 277 6.34 -8.42 -2.52
C THR A 277 5.60 -8.16 -3.82
N PHE A 278 5.91 -8.99 -4.82
CA PHE A 278 5.29 -8.90 -6.14
C PHE A 278 5.52 -10.22 -6.87
N ASP A 279 4.77 -10.39 -7.96
CA ASP A 279 5.01 -11.46 -8.92
C ASP A 279 4.79 -10.90 -10.32
N TRP A 280 4.99 -11.75 -11.33
CA TRP A 280 4.91 -11.26 -12.71
C TRP A 280 3.51 -10.80 -13.05
N ASN A 281 2.48 -11.38 -12.42
CA ASN A 281 1.11 -10.96 -12.70
C ASN A 281 0.80 -9.61 -12.09
N THR A 282 1.51 -9.21 -11.04
CA THR A 282 1.39 -7.83 -10.55
C THR A 282 1.99 -6.86 -11.55
N VAL A 283 3.14 -7.21 -12.12
CA VAL A 283 3.79 -6.40 -13.14
C VAL A 283 2.88 -6.25 -14.37
N LEU A 284 2.34 -7.37 -14.85
CA LEU A 284 1.52 -7.31 -16.06
C LEU A 284 0.29 -6.44 -15.85
N ALA A 285 -0.33 -6.54 -14.67
CA ALA A 285 -1.46 -5.69 -14.35
C ALA A 285 -1.07 -4.22 -14.40
N THR A 286 0.11 -3.88 -13.86
CA THR A 286 0.59 -2.50 -13.91
C THR A 286 0.87 -2.07 -15.35
N PHE A 287 1.47 -2.95 -16.16
CA PHE A 287 1.69 -2.62 -17.57
C PHE A 287 0.37 -2.28 -18.26
N ARG A 288 -0.66 -3.10 -18.02
CA ARG A 288 -1.91 -2.93 -18.74
C ARG A 288 -2.59 -1.63 -18.36
N LYS A 289 -2.44 -1.20 -17.10
CA LYS A 289 -3.02 0.07 -16.67
C LYS A 289 -2.23 1.24 -17.25
N LEU A 290 -0.91 1.14 -17.28
CA LEU A 290 -0.10 2.23 -17.80
C LEU A 290 -0.25 2.39 -19.31
N TYR A 291 -0.54 1.29 -20.01
CA TYR A 291 -0.69 1.29 -21.48
C TYR A 291 -1.97 0.56 -21.87
N PRO A 292 -3.12 1.21 -21.74
CA PRO A 292 -4.39 0.54 -22.05
C PRO A 292 -4.50 0.08 -23.50
N SER A 293 -3.86 0.79 -24.44
CA SER A 293 -3.95 0.41 -25.84
C SER A 293 -3.05 -0.77 -26.18
N LYS A 294 -1.95 -0.93 -25.45
CA LYS A 294 -0.97 -1.97 -25.76
C LYS A 294 -1.47 -3.35 -25.34
N THR A 295 -1.05 -4.36 -26.10
CA THR A 295 -1.27 -5.77 -25.78
C THR A 295 -0.03 -6.33 -25.12
N PHE A 296 -0.22 -7.20 -24.13
CA PHE A 296 0.84 -7.74 -23.30
C PHE A 296 0.70 -9.24 -23.17
N PRO A 297 1.75 -9.93 -22.73
CA PRO A 297 1.62 -11.36 -22.46
C PRO A 297 0.49 -11.73 -21.52
N ALA A 298 0.08 -12.99 -21.61
CA ALA A 298 -0.97 -13.47 -20.74
C ALA A 298 -0.45 -13.60 -19.32
N ASP A 299 -1.38 -13.56 -18.36
CA ASP A 299 -0.99 -13.76 -16.98
C ASP A 299 -0.27 -15.10 -16.85
N PHE A 300 0.72 -15.14 -15.96
CA PHE A 300 1.47 -16.35 -15.72
C PHE A 300 0.71 -17.27 -14.77
N PRO A 301 0.97 -18.58 -14.82
CA PRO A 301 0.45 -19.47 -13.79
C PRO A 301 0.92 -19.06 -12.40
N ASP A 302 0.10 -19.37 -11.40
CA ASP A 302 0.37 -18.99 -10.02
C ASP A 302 1.75 -19.43 -9.57
N GLN A 303 2.59 -18.47 -9.20
CA GLN A 303 3.93 -18.72 -8.70
C GLN A 303 3.98 -18.93 -7.19
N GLY A 304 2.83 -18.95 -6.51
CA GLY A 304 2.83 -18.93 -5.06
C GLY A 304 3.04 -17.52 -4.55
N GLN A 305 3.32 -17.42 -3.25
CA GLN A 305 3.47 -16.12 -2.63
C GLN A 305 4.69 -16.10 -1.71
N ASP A 306 5.33 -14.94 -1.64
CA ASP A 306 6.52 -14.76 -0.80
C ASP A 306 6.02 -14.34 0.58
N LEU A 307 6.20 -15.23 1.55
CA LEU A 307 5.78 -14.97 2.92
C LEU A 307 6.91 -14.49 3.82
N SER A 308 8.12 -14.36 3.27
CA SER A 308 9.25 -13.90 4.06
C SER A 308 9.11 -12.42 4.42
N LYS A 309 9.82 -12.02 5.48
CA LYS A 309 9.87 -10.65 5.94
C LYS A 309 11.31 -10.28 6.25
N PHE A 310 11.66 -9.02 5.99
CA PHE A 310 13.03 -8.55 6.13
C PHE A 310 13.14 -7.48 7.20
N ASP A 311 14.27 -7.47 7.91
CA ASP A 311 14.54 -6.40 8.87
C ASP A 311 15.03 -5.20 8.08
N THR A 312 14.11 -4.28 7.78
CA THR A 312 14.41 -3.10 6.99
C THR A 312 14.68 -1.88 7.86
N ALA A 313 15.06 -2.07 9.13
CA ALA A 313 15.24 -0.93 10.02
C ALA A 313 16.32 0.04 9.55
N PRO A 314 17.55 -0.40 9.24
CA PRO A 314 18.54 0.57 8.71
C PRO A 314 18.17 1.14 7.35
N SER A 315 17.50 0.38 6.49
CA SER A 315 17.10 0.90 5.19
C SER A 315 16.17 2.10 5.33
N LEU A 316 15.15 1.96 6.19
CA LEU A 316 14.19 3.03 6.39
C LEU A 316 14.83 4.23 7.09
N GLU A 317 15.74 3.98 8.04
CA GLU A 317 16.52 5.07 8.62
C GLU A 317 17.29 5.84 7.56
N ILE A 318 17.92 5.12 6.63
CA ILE A 318 18.68 5.79 5.57
C ILE A 318 17.75 6.62 4.69
N LEU A 319 16.63 6.03 4.28
CA LEU A 319 15.71 6.75 3.41
C LEU A 319 15.16 8.00 4.09
N LYS A 320 14.81 7.90 5.37
CA LYS A 320 14.32 9.07 6.09
C LYS A 320 15.38 10.16 6.15
N SER A 321 16.63 9.78 6.45
CA SER A 321 17.71 10.77 6.52
C SER A 321 17.97 11.45 5.18
N LEU A 322 17.69 10.77 4.06
CA LEU A 322 17.93 11.31 2.73
C LEU A 322 16.70 11.96 2.13
N GLY A 323 15.68 12.25 2.94
CA GLY A 323 14.54 13.03 2.51
C GLY A 323 13.36 12.25 1.98
N ARG A 324 13.23 10.97 2.32
CA ARG A 324 12.12 10.19 1.77
C ARG A 324 11.14 9.73 2.85
N PRO A 325 9.85 9.66 2.52
CA PRO A 325 8.86 9.14 3.49
C PRO A 325 8.95 7.65 3.69
N GLY A 326 9.55 6.92 2.74
CA GLY A 326 9.56 5.47 2.81
C GLY A 326 10.00 4.90 1.47
N TRP A 327 9.60 3.66 1.24
CA TRP A 327 9.90 2.99 -0.03
C TRP A 327 9.12 3.65 -1.16
N ARG A 328 9.75 3.76 -2.32
CA ARG A 328 9.01 4.11 -3.53
C ARG A 328 8.12 2.94 -3.92
N SER A 329 6.93 3.25 -4.42
CA SER A 329 5.91 2.24 -4.72
C SER A 329 6.26 1.46 -5.98
N ILE A 330 5.65 0.27 -6.12
CA ILE A 330 5.92 -0.55 -7.30
C ILE A 330 5.35 0.11 -8.56
N GLU A 331 4.16 0.73 -8.47
CA GLU A 331 3.64 1.38 -9.67
C GLU A 331 4.54 2.54 -10.07
N GLU A 332 5.01 3.31 -9.09
CA GLU A 332 5.96 4.37 -9.38
C GLU A 332 7.25 3.81 -9.95
N SER A 333 7.74 2.70 -9.39
CA SER A 333 8.97 2.09 -9.89
C SER A 333 8.79 1.52 -11.30
N ILE A 334 7.67 0.85 -11.56
CA ILE A 334 7.42 0.33 -12.90
C ILE A 334 7.25 1.48 -13.89
N LYS A 335 6.60 2.57 -13.45
CA LYS A 335 6.48 3.75 -14.31
C LYS A 335 7.84 4.35 -14.63
N ASP A 336 8.77 4.35 -13.66
CA ASP A 336 10.13 4.76 -13.93
C ASP A 336 10.75 3.96 -15.08
N LEU A 337 10.38 2.69 -15.19
CA LEU A 337 10.98 1.80 -16.18
C LEU A 337 10.34 1.94 -17.56
N VAL A 338 9.01 1.84 -17.64
CA VAL A 338 8.32 1.73 -18.91
C VAL A 338 7.57 2.98 -19.32
N GLY A 339 7.41 3.95 -18.43
CA GLY A 339 6.63 5.13 -18.72
C GLY A 339 5.13 4.87 -18.67
N SER A 340 4.39 5.79 -19.29
CA SER A 340 2.93 5.67 -19.40
C SER A 340 2.51 6.02 -20.81
N GLU A 341 1.37 5.46 -21.23
CA GLU A 341 0.90 5.66 -22.59
C GLU A 341 0.57 7.13 -22.85
N THR A 342 1.04 7.64 -23.99
CA THR A 342 0.80 9.01 -24.39
C THR A 342 0.26 9.04 -25.80
N ALA A 343 -0.74 9.88 -26.02
CA ALA A 343 -1.25 10.17 -27.35
C ALA A 343 -0.62 11.49 -27.78
N ILE A 344 0.35 11.44 -28.68
CA ILE A 344 1.08 12.65 -29.05
C ILE A 344 0.29 13.42 -30.09
N GLN A 345 0.17 14.72 -29.87
CA GLN A 345 -0.70 15.56 -30.67
C GLN A 345 0.09 16.21 -31.78
N ILE B 4 -36.89 20.92 6.70
CA ILE B 4 -36.22 20.88 5.41
C ILE B 4 -37.20 21.29 4.32
N ASP B 5 -36.91 22.42 3.69
CA ASP B 5 -37.81 22.97 2.69
C ASP B 5 -37.95 22.05 1.49
N ASN B 6 -39.19 21.88 1.03
CA ASN B 6 -39.54 21.02 -0.11
C ASN B 6 -39.17 19.56 0.13
N ALA B 7 -39.10 19.16 1.40
CA ALA B 7 -38.82 17.78 1.73
C ALA B 7 -39.83 16.84 1.09
N VAL B 8 -39.33 15.74 0.53
CA VAL B 8 -40.23 14.77 -0.11
C VAL B 8 -40.91 13.88 0.93
N LEU B 9 -40.30 13.71 2.10
CA LEU B 9 -40.98 13.05 3.21
C LEU B 9 -41.41 14.11 4.21
N PRO B 10 -42.71 14.23 4.49
CA PRO B 10 -43.18 15.30 5.38
C PRO B 10 -42.60 15.19 6.78
N GLU B 11 -42.44 16.34 7.42
CA GLU B 11 -41.95 16.40 8.79
C GLU B 11 -42.81 15.53 9.70
N GLY B 12 -42.15 14.75 10.54
CA GLY B 12 -42.82 13.79 11.38
C GLY B 12 -43.09 12.44 10.74
N SER B 13 -42.69 12.25 9.48
CA SER B 13 -42.86 10.95 8.83
C SER B 13 -42.00 9.90 9.54
N LEU B 14 -42.34 8.64 9.30
CA LEU B 14 -41.62 7.51 9.89
C LEU B 14 -40.68 6.89 8.87
N VAL B 15 -39.43 6.68 9.27
CA VAL B 15 -38.44 6.03 8.42
C VAL B 15 -38.02 4.73 9.09
N LEU B 16 -38.01 3.64 8.32
CA LEU B 16 -37.49 2.36 8.77
C LEU B 16 -35.99 2.32 8.52
N VAL B 17 -35.21 2.09 9.57
CA VAL B 17 -33.76 1.92 9.48
C VAL B 17 -33.44 0.49 9.90
N THR B 18 -32.91 -0.29 8.97
CA THR B 18 -32.57 -1.67 9.27
C THR B 18 -31.20 -1.73 9.94
N GLY B 19 -31.03 -2.73 10.80
CA GLY B 19 -29.75 -2.85 11.51
C GLY B 19 -29.40 -1.62 12.30
N ALA B 20 -30.40 -1.00 12.93
CA ALA B 20 -30.24 0.30 13.58
C ALA B 20 -29.26 0.28 14.72
N ASN B 21 -28.85 -0.90 15.21
CA ASN B 21 -27.87 -1.01 16.26
C ASN B 21 -26.44 -0.78 15.78
N GLY B 22 -26.20 -0.85 14.47
CA GLY B 22 -24.86 -0.66 13.96
C GLY B 22 -24.37 0.77 14.13
N PHE B 23 -23.05 0.93 14.10
CA PHE B 23 -22.46 2.23 14.36
C PHE B 23 -22.92 3.26 13.33
N VAL B 24 -22.71 2.98 12.03
CA VAL B 24 -23.14 3.94 11.00
C VAL B 24 -24.65 4.12 11.05
N ALA B 25 -25.39 3.00 11.12
CA ALA B 25 -26.85 3.07 11.15
C ALA B 25 -27.35 3.95 12.30
N SER B 26 -26.71 3.85 13.47
CA SER B 26 -27.16 4.64 14.62
C SER B 26 -27.01 6.14 14.37
N HIS B 27 -26.05 6.54 13.52
CA HIS B 27 -25.91 7.93 13.15
C HIS B 27 -26.95 8.36 12.12
N VAL B 28 -27.32 7.46 11.21
CA VAL B 28 -28.46 7.71 10.34
C VAL B 28 -29.71 7.96 11.19
N VAL B 29 -29.98 7.06 12.15
CA VAL B 29 -31.12 7.22 13.03
C VAL B 29 -31.05 8.56 13.76
N GLU B 30 -29.89 8.87 14.35
CA GLU B 30 -29.76 10.08 15.16
C GLU B 30 -30.07 11.33 14.35
N GLN B 31 -29.57 11.40 13.10
CA GLN B 31 -29.85 12.59 12.29
C GLN B 31 -31.31 12.65 11.85
N LEU B 32 -31.94 11.50 11.64
CA LEU B 32 -33.37 11.53 11.36
C LEU B 32 -34.14 12.08 12.56
N LEU B 33 -33.85 11.54 13.75
CA LEU B 33 -34.51 12.02 14.96
C LEU B 33 -34.23 13.50 15.21
N GLU B 34 -32.98 13.91 15.02
CA GLU B 34 -32.61 15.31 15.20
C GLU B 34 -33.42 16.23 14.29
N HIS B 35 -33.87 15.74 13.14
CA HIS B 35 -34.60 16.56 12.20
C HIS B 35 -36.11 16.31 12.23
N GLY B 36 -36.62 15.78 13.33
CA GLY B 36 -38.04 15.71 13.57
C GLY B 36 -38.75 14.53 12.93
N TYR B 37 -38.02 13.54 12.45
CA TYR B 37 -38.63 12.35 11.88
C TYR B 37 -38.74 11.26 12.95
N LYS B 38 -39.74 10.41 12.80
CA LYS B 38 -39.86 9.22 13.63
C LYS B 38 -39.07 8.11 12.98
N VAL B 39 -38.47 7.25 13.81
CA VAL B 39 -37.66 6.14 13.30
C VAL B 39 -38.14 4.85 13.93
N ARG B 40 -38.28 3.81 13.10
CA ARG B 40 -38.42 2.43 13.56
C ARG B 40 -37.15 1.69 13.17
N GLY B 41 -36.42 1.19 14.15
CA GLY B 41 -35.13 0.57 13.93
C GLY B 41 -35.17 -0.92 14.23
N THR B 42 -34.69 -1.71 13.27
CA THR B 42 -34.69 -3.16 13.42
C THR B 42 -33.34 -3.66 13.90
N ALA B 43 -33.36 -4.79 14.60
CA ALA B 43 -32.17 -5.50 14.99
C ALA B 43 -32.54 -6.97 15.15
N ARG B 44 -31.52 -7.84 15.16
CA ARG B 44 -31.79 -9.27 15.25
C ARG B 44 -32.43 -9.65 16.58
N SER B 45 -32.22 -8.84 17.61
CA SER B 45 -32.82 -9.07 18.91
C SER B 45 -33.02 -7.72 19.58
N ALA B 46 -34.00 -7.67 20.49
CA ALA B 46 -34.25 -6.44 21.23
C ALA B 46 -33.03 -6.03 22.07
N SER B 47 -32.30 -7.01 22.61
CA SER B 47 -31.14 -6.70 23.42
C SER B 47 -30.12 -5.87 22.66
N LYS B 48 -29.99 -6.09 21.35
CA LYS B 48 -29.00 -5.34 20.57
C LYS B 48 -29.33 -3.86 20.50
N LEU B 49 -30.59 -3.48 20.70
CA LEU B 49 -31.01 -2.08 20.62
C LEU B 49 -31.33 -1.46 21.97
N ALA B 50 -31.28 -2.22 23.06
CA ALA B 50 -31.76 -1.74 24.35
C ALA B 50 -31.04 -0.47 24.78
N ASN B 51 -29.71 -0.45 24.70
CA ASN B 51 -28.95 0.74 25.12
C ASN B 51 -29.26 1.92 24.22
N LEU B 52 -29.25 1.70 22.89
CA LEU B 52 -29.56 2.79 21.98
C LEU B 52 -31.00 3.26 22.18
N GLN B 53 -31.91 2.32 22.47
CA GLN B 53 -33.28 2.69 22.78
C GLN B 53 -33.33 3.56 24.02
N LYS B 54 -32.49 3.27 25.01
CA LYS B 54 -32.46 4.11 26.20
C LYS B 54 -31.97 5.52 25.88
N ARG B 55 -30.97 5.64 25.00
CA ARG B 55 -30.44 6.96 24.66
C ARG B 55 -31.45 7.79 23.89
N TRP B 56 -32.10 7.19 22.89
CA TRP B 56 -33.02 7.97 22.06
C TRP B 56 -34.34 8.26 22.78
N ASP B 57 -34.74 7.40 23.73
CA ASP B 57 -35.89 7.75 24.57
C ASP B 57 -35.59 8.96 25.45
N ALA B 58 -34.34 9.09 25.90
CA ALA B 58 -33.97 10.25 26.69
C ALA B 58 -33.80 11.47 25.79
N LYS B 59 -33.15 11.27 24.64
CA LYS B 59 -32.82 12.39 23.75
C LYS B 59 -34.01 12.85 22.93
N TYR B 60 -34.81 11.92 22.43
CA TYR B 60 -35.91 12.23 21.52
C TYR B 60 -37.14 11.44 21.97
N PRO B 61 -37.77 11.86 23.07
CA PRO B 61 -38.81 11.01 23.68
C PRO B 61 -39.96 10.74 22.71
N GLY B 62 -40.31 9.46 22.59
CA GLY B 62 -41.43 9.04 21.78
C GLY B 62 -41.19 9.00 20.29
N ARG B 63 -39.94 9.17 19.84
CA ARG B 63 -39.68 9.24 18.41
C ARG B 63 -38.98 8.01 17.83
N PHE B 64 -38.35 7.17 18.66
CA PHE B 64 -37.70 5.95 18.19
C PHE B 64 -38.40 4.71 18.76
N GLU B 65 -38.52 3.69 17.92
CA GLU B 65 -39.11 2.42 18.30
C GLU B 65 -38.25 1.25 17.85
N THR B 66 -38.07 0.27 18.75
CA THR B 66 -37.34 -0.95 18.43
C THR B 66 -38.26 -1.93 17.72
N ALA B 67 -37.73 -2.58 16.69
CA ALA B 67 -38.42 -3.65 15.98
C ALA B 67 -37.45 -4.81 15.80
N VAL B 68 -37.91 -6.03 16.05
CA VAL B 68 -37.06 -7.21 15.98
C VAL B 68 -37.27 -7.89 14.63
N VAL B 69 -36.18 -8.15 13.92
CA VAL B 69 -36.20 -8.91 12.68
C VAL B 69 -35.14 -9.98 12.86
N GLU B 70 -35.56 -11.19 13.26
CA GLU B 70 -34.61 -12.23 13.62
C GLU B 70 -33.85 -12.74 12.41
N ASP B 71 -34.56 -12.94 11.30
CA ASP B 71 -33.99 -13.49 10.07
C ASP B 71 -34.16 -12.44 8.98
N MET B 72 -33.06 -11.76 8.65
CA MET B 72 -33.08 -10.73 7.61
C MET B 72 -33.31 -11.29 6.23
N LEU B 73 -33.06 -12.58 6.02
CA LEU B 73 -33.14 -13.19 4.70
C LEU B 73 -34.51 -13.76 4.40
N LYS B 74 -35.27 -14.14 5.42
CA LYS B 74 -36.54 -14.81 5.24
C LYS B 74 -37.54 -13.94 4.49
N GLN B 75 -38.26 -14.53 3.54
CA GLN B 75 -39.27 -13.79 2.79
C GLN B 75 -40.35 -13.27 3.74
N GLY B 76 -40.72 -12.00 3.55
CA GLY B 76 -41.67 -11.36 4.42
C GLY B 76 -41.07 -10.78 5.68
N ALA B 77 -39.76 -10.87 5.85
CA ALA B 77 -39.11 -10.46 7.10
C ALA B 77 -39.48 -9.03 7.50
N TYR B 78 -39.55 -8.12 6.53
CA TYR B 78 -39.82 -6.71 6.82
C TYR B 78 -41.27 -6.32 6.58
N ASP B 79 -42.15 -7.26 6.25
CA ASP B 79 -43.50 -6.90 5.83
C ASP B 79 -44.30 -6.27 6.95
N GLU B 80 -44.06 -6.69 8.20
CA GLU B 80 -44.74 -6.06 9.32
C GLU B 80 -44.09 -4.74 9.71
N VAL B 81 -42.76 -4.73 9.82
CA VAL B 81 -42.08 -3.56 10.39
C VAL B 81 -42.09 -2.38 9.44
N ILE B 82 -42.19 -2.64 8.12
CA ILE B 82 -42.17 -1.55 7.15
C ILE B 82 -43.47 -0.78 7.11
N LYS B 83 -44.56 -1.34 7.61
CA LYS B 83 -45.86 -0.70 7.46
C LYS B 83 -45.91 0.59 8.26
N GLY B 84 -46.36 1.66 7.61
CA GLY B 84 -46.36 3.00 8.18
C GLY B 84 -45.13 3.82 7.87
N ALA B 85 -44.14 3.26 7.17
CA ALA B 85 -42.92 3.96 6.83
C ALA B 85 -43.07 4.74 5.53
N ALA B 86 -42.59 5.97 5.53
CA ALA B 86 -42.51 6.77 4.31
C ALA B 86 -41.15 6.64 3.64
N GLY B 87 -40.14 6.18 4.37
CA GLY B 87 -38.82 5.95 3.81
C GLY B 87 -38.19 4.73 4.45
N VAL B 88 -37.19 4.18 3.77
CA VAL B 88 -36.41 3.06 4.26
C VAL B 88 -34.93 3.38 4.09
N ALA B 89 -34.16 3.16 5.15
CA ALA B 89 -32.70 3.17 5.09
C ALA B 89 -32.23 1.75 5.39
N HIS B 90 -31.72 1.09 4.35
CA HIS B 90 -31.16 -0.27 4.53
C HIS B 90 -29.64 -0.14 4.54
N ILE B 91 -29.04 -0.62 5.62
CA ILE B 91 -27.57 -0.61 5.69
C ILE B 91 -27.16 -2.00 5.23
N ALA B 92 -26.37 -2.08 4.17
CA ALA B 92 -26.03 -3.44 3.67
C ALA B 92 -24.81 -3.92 4.47
N SER B 93 -25.04 -4.39 5.70
CA SER B 93 -23.94 -4.84 6.58
C SER B 93 -23.31 -6.15 6.08
N VAL B 94 -22.02 -6.34 6.35
CA VAL B 94 -21.30 -7.56 5.88
C VAL B 94 -20.80 -8.33 7.11
N VAL B 95 -21.25 -9.58 7.25
CA VAL B 95 -20.87 -10.41 8.39
C VAL B 95 -19.78 -11.37 7.93
N SER B 96 -18.55 -11.10 8.37
CA SER B 96 -17.37 -11.84 7.93
C SER B 96 -17.00 -12.96 8.91
N PHE B 97 -18.01 -13.65 9.45
CA PHE B 97 -17.77 -14.78 10.35
C PHE B 97 -17.01 -15.92 9.67
N SER B 98 -16.80 -15.85 8.35
CA SER B 98 -16.25 -16.95 7.57
C SER B 98 -15.41 -16.37 6.42
N ASN B 99 -14.48 -17.19 5.90
CA ASN B 99 -13.65 -16.79 4.76
C ASN B 99 -14.33 -17.07 3.44
N LYS B 100 -15.32 -17.97 3.46
CA LYS B 100 -15.98 -18.44 2.24
C LYS B 100 -16.84 -17.35 1.62
N TYR B 101 -16.59 -17.09 0.33
CA TYR B 101 -17.23 -16.03 -0.44
C TYR B 101 -18.75 -16.11 -0.37
N ASP B 102 -19.30 -17.30 -0.61
CA ASP B 102 -20.76 -17.45 -0.65
C ASP B 102 -21.41 -17.14 0.69
N GLU B 103 -20.72 -17.43 1.79
CA GLU B 103 -21.30 -17.19 3.11
C GLU B 103 -21.32 -15.70 3.47
N VAL B 104 -20.46 -14.91 2.86
CA VAL B 104 -20.38 -13.48 3.12
C VAL B 104 -21.20 -12.67 2.12
N VAL B 105 -21.04 -12.98 0.82
CA VAL B 105 -21.60 -12.14 -0.23
C VAL B 105 -23.11 -12.33 -0.33
N THR B 106 -23.56 -13.59 -0.36
CA THR B 106 -24.98 -13.86 -0.60
C THR B 106 -25.90 -13.23 0.44
N PRO B 107 -25.66 -13.33 1.75
CA PRO B 107 -26.56 -12.66 2.70
C PRO B 107 -26.61 -11.16 2.51
N ALA B 108 -25.51 -10.53 2.08
CA ALA B 108 -25.51 -9.10 1.84
C ALA B 108 -26.45 -8.73 0.70
N ILE B 109 -26.41 -9.49 -0.40
CA ILE B 109 -27.38 -9.31 -1.47
C ILE B 109 -28.78 -9.66 -0.99
N GLY B 110 -28.91 -10.80 -0.31
CA GLY B 110 -30.24 -11.28 0.05
C GLY B 110 -30.96 -10.34 0.99
N GLY B 111 -30.25 -9.75 1.94
CA GLY B 111 -30.86 -8.78 2.82
C GLY B 111 -31.30 -7.52 2.09
N THR B 112 -30.49 -7.06 1.14
CA THR B 112 -30.83 -5.87 0.37
C THR B 112 -32.07 -6.11 -0.48
N LEU B 113 -32.12 -7.24 -1.18
CA LEU B 113 -33.28 -7.54 -2.03
C LEU B 113 -34.54 -7.69 -1.18
N ASN B 114 -34.42 -8.29 0.00
CA ASN B 114 -35.59 -8.47 0.86
C ASN B 114 -36.17 -7.13 1.28
N ALA B 115 -35.31 -6.22 1.73
CA ALA B 115 -35.75 -4.88 2.10
C ALA B 115 -36.42 -4.16 0.93
N LEU B 116 -35.83 -4.29 -0.27
CA LEU B 116 -36.38 -3.62 -1.45
C LEU B 116 -37.73 -4.21 -1.83
N ARG B 117 -37.89 -5.53 -1.72
CA ARG B 117 -39.18 -6.15 -2.00
C ARG B 117 -40.24 -5.65 -1.04
N ALA B 118 -39.88 -5.51 0.24
CA ALA B 118 -40.83 -5.01 1.24
C ALA B 118 -41.26 -3.59 0.89
N ALA B 119 -40.32 -2.76 0.45
CA ALA B 119 -40.64 -1.39 0.07
C ALA B 119 -41.54 -1.35 -1.15
N ALA B 120 -41.30 -2.24 -2.11
CA ALA B 120 -42.12 -2.27 -3.33
C ALA B 120 -43.55 -2.65 -3.03
N ALA B 121 -43.79 -3.43 -1.98
CA ALA B 121 -45.11 -3.83 -1.55
C ALA B 121 -45.76 -2.85 -0.57
N THR B 122 -45.10 -1.74 -0.26
CA THR B 122 -45.64 -0.75 0.68
C THR B 122 -45.81 0.59 -0.01
N PRO B 123 -47.04 0.96 -0.39
CA PRO B 123 -47.23 2.21 -1.14
C PRO B 123 -46.75 3.46 -0.43
N SER B 124 -46.74 3.48 0.90
CA SER B 124 -46.31 4.66 1.64
C SER B 124 -44.83 4.95 1.47
N VAL B 125 -44.02 3.97 1.08
CA VAL B 125 -42.58 4.17 0.96
C VAL B 125 -42.31 4.97 -0.30
N LYS B 126 -41.68 6.13 -0.15
CA LYS B 126 -41.41 7.04 -1.24
C LYS B 126 -39.94 7.10 -1.59
N ARG B 127 -39.06 6.89 -0.62
CA ARG B 127 -37.63 6.98 -0.81
C ARG B 127 -36.96 5.80 -0.12
N PHE B 128 -35.93 5.27 -0.75
CA PHE B 128 -35.14 4.17 -0.22
C PHE B 128 -33.68 4.58 -0.35
N VAL B 129 -32.92 4.48 0.73
CA VAL B 129 -31.49 4.78 0.70
C VAL B 129 -30.72 3.54 1.13
N LEU B 130 -29.78 3.12 0.31
CA LEU B 130 -28.94 1.97 0.58
C LEU B 130 -27.56 2.45 1.04
N THR B 131 -27.07 1.89 2.14
CA THR B 131 -25.71 2.18 2.57
C THR B 131 -24.77 1.19 1.88
N SER B 132 -24.04 1.67 0.89
CA SER B 132 -23.03 0.90 0.20
C SER B 132 -21.68 1.23 0.82
N SER B 133 -20.63 1.51 0.06
CA SER B 133 -19.30 1.82 0.56
C SER B 133 -18.49 2.30 -0.64
N THR B 134 -17.41 3.04 -0.35
CA THR B 134 -16.48 3.39 -1.41
C THR B 134 -15.86 2.16 -2.04
N VAL B 135 -15.85 1.03 -1.32
CA VAL B 135 -15.32 -0.21 -1.90
C VAL B 135 -16.20 -0.74 -3.01
N SER B 136 -17.43 -0.24 -3.17
CA SER B 136 -18.21 -0.59 -4.35
C SER B 136 -17.68 0.12 -5.59
N ALA B 137 -16.83 1.13 -5.41
CA ALA B 137 -16.09 1.77 -6.49
C ALA B 137 -14.66 1.27 -6.62
N LEU B 138 -13.96 1.08 -5.50
CA LEU B 138 -12.56 0.70 -5.55
C LEU B 138 -12.08 0.30 -4.15
N ILE B 139 -11.03 -0.50 -4.13
CA ILE B 139 -10.30 -0.78 -2.90
C ILE B 139 -9.20 0.27 -2.80
N PRO B 140 -8.97 0.86 -1.62
CA PRO B 140 -7.92 1.89 -1.53
C PRO B 140 -6.57 1.26 -1.82
N LYS B 141 -5.83 1.90 -2.73
CA LYS B 141 -4.52 1.44 -3.15
C LYS B 141 -3.57 2.63 -3.05
N PRO B 142 -2.55 2.57 -2.20
CA PRO B 142 -1.68 3.74 -2.04
C PRO B 142 -0.85 3.95 -3.29
N ASN B 143 -0.57 5.22 -3.58
CA ASN B 143 0.37 5.60 -4.64
C ASN B 143 -0.03 4.98 -5.98
N VAL B 144 -1.28 5.19 -6.37
CA VAL B 144 -1.78 4.89 -7.71
C VAL B 144 -2.36 6.17 -8.28
N GLU B 145 -1.75 6.67 -9.33
CA GLU B 145 -2.14 7.94 -9.96
C GLU B 145 -3.32 7.75 -10.89
N GLY B 146 -3.99 8.86 -11.18
CA GLY B 146 -5.04 8.85 -12.17
C GLY B 146 -6.31 8.12 -11.79
N ILE B 147 -6.63 8.06 -10.50
CA ILE B 147 -7.87 7.43 -10.04
C ILE B 147 -8.87 8.54 -9.74
N TYR B 148 -9.95 8.59 -10.52
CA TYR B 148 -11.06 9.49 -10.26
C TYR B 148 -12.32 8.63 -10.19
N LEU B 149 -13.02 8.70 -9.07
CA LEU B 149 -14.24 7.93 -8.86
C LEU B 149 -15.44 8.84 -9.05
N ASP B 150 -16.40 8.40 -9.84
CA ASP B 150 -17.66 9.12 -9.96
C ASP B 150 -18.82 8.13 -9.85
N GLU B 151 -20.03 8.57 -10.18
CA GLU B 151 -21.18 7.70 -9.97
C GLU B 151 -21.23 6.52 -10.94
N LYS B 152 -20.36 6.48 -11.95
CA LYS B 152 -20.26 5.34 -12.85
C LYS B 152 -19.18 4.33 -12.44
N SER B 153 -18.37 4.61 -11.42
CA SER B 153 -17.26 3.73 -11.05
C SER B 153 -17.74 2.54 -10.24
N TRP B 154 -17.41 1.33 -10.70
CA TRP B 154 -17.81 0.08 -10.06
C TRP B 154 -16.61 -0.81 -9.83
N ASN B 155 -16.55 -1.43 -8.66
CA ASN B 155 -15.47 -2.35 -8.28
C ASN B 155 -15.73 -3.76 -8.82
N LEU B 156 -15.83 -3.84 -10.14
CA LEU B 156 -16.13 -5.12 -10.80
C LEU B 156 -15.05 -6.16 -10.53
N GLU B 157 -13.79 -5.73 -10.43
CA GLU B 157 -12.70 -6.67 -10.21
C GLU B 157 -12.85 -7.41 -8.88
N SER B 158 -13.39 -6.75 -7.85
CA SER B 158 -13.43 -7.34 -6.52
C SER B 158 -14.20 -8.65 -6.53
N ILE B 159 -15.17 -8.80 -7.42
CA ILE B 159 -16.00 -9.99 -7.43
C ILE B 159 -15.16 -11.24 -7.72
N ASP B 160 -14.36 -11.20 -8.79
CA ASP B 160 -13.50 -12.36 -9.05
C ASP B 160 -12.30 -12.39 -8.11
N LYS B 161 -11.68 -11.24 -7.85
CA LYS B 161 -10.49 -11.21 -6.99
C LYS B 161 -10.78 -11.79 -5.61
N ALA B 162 -11.94 -11.45 -5.04
CA ALA B 162 -12.27 -11.96 -3.71
C ALA B 162 -12.42 -13.48 -3.71
N LYS B 163 -12.76 -14.06 -4.85
CA LYS B 163 -13.00 -15.50 -4.90
C LYS B 163 -11.71 -16.32 -4.88
N THR B 164 -10.62 -15.80 -5.44
CA THR B 164 -9.43 -16.62 -5.64
C THR B 164 -8.18 -16.12 -4.94
N LEU B 165 -8.26 -15.06 -4.15
CA LEU B 165 -7.08 -14.58 -3.44
C LEU B 165 -6.57 -15.64 -2.46
N PRO B 166 -5.27 -15.71 -2.24
CA PRO B 166 -4.74 -16.63 -1.23
C PRO B 166 -5.24 -16.23 0.15
N GLU B 167 -5.45 -17.25 1.00
CA GLU B 167 -5.79 -16.97 2.39
C GLU B 167 -4.69 -16.17 3.07
N SER B 168 -3.44 -16.37 2.64
CA SER B 168 -2.32 -15.66 3.24
C SER B 168 -2.31 -14.16 2.90
N ASP B 169 -3.05 -13.75 1.88
CA ASP B 169 -3.08 -12.33 1.50
C ASP B 169 -3.71 -11.52 2.63
N PRO B 170 -2.99 -10.56 3.22
CA PRO B 170 -3.58 -9.78 4.32
C PRO B 170 -4.82 -9.01 3.94
N GLN B 171 -5.03 -8.73 2.66
CA GLN B 171 -6.14 -7.90 2.20
C GLN B 171 -7.38 -8.70 1.80
N LYS B 172 -7.35 -10.03 1.91
CA LYS B 172 -8.43 -10.84 1.37
C LYS B 172 -9.77 -10.49 2.01
N SER B 173 -9.79 -10.29 3.33
CA SER B 173 -11.04 -9.95 4.00
C SER B 173 -11.59 -8.63 3.48
N LEU B 174 -10.70 -7.66 3.21
CA LEU B 174 -11.15 -6.40 2.62
C LEU B 174 -11.73 -6.62 1.24
N TRP B 175 -11.12 -7.51 0.45
CA TRP B 175 -11.63 -7.79 -0.89
C TRP B 175 -12.98 -8.49 -0.83
N VAL B 176 -13.15 -9.42 0.12
CA VAL B 176 -14.44 -10.09 0.26
C VAL B 176 -15.51 -9.09 0.68
N TYR B 177 -15.17 -8.17 1.58
CA TYR B 177 -16.08 -7.10 1.96
C TYR B 177 -16.41 -6.21 0.77
N ALA B 178 -15.42 -5.95 -0.09
CA ALA B 178 -15.67 -5.16 -1.29
C ALA B 178 -16.58 -5.90 -2.27
N ALA B 179 -16.38 -7.21 -2.44
CA ALA B 179 -17.25 -7.95 -3.35
C ALA B 179 -18.68 -7.95 -2.86
N SER B 180 -18.88 -8.14 -1.55
CA SER B 180 -20.23 -8.15 -0.99
C SER B 180 -20.91 -6.79 -1.13
N LYS B 181 -20.20 -5.70 -0.83
CA LYS B 181 -20.80 -4.37 -0.99
C LYS B 181 -21.13 -4.09 -2.45
N THR B 182 -20.20 -4.42 -3.35
CA THR B 182 -20.42 -4.20 -4.78
C THR B 182 -21.60 -5.01 -5.28
N GLU B 183 -21.63 -6.30 -4.95
CA GLU B 183 -22.70 -7.17 -5.43
C GLU B 183 -24.05 -6.70 -4.91
N ALA B 184 -24.11 -6.27 -3.65
CA ALA B 184 -25.35 -5.81 -3.07
C ALA B 184 -25.84 -4.53 -3.73
N GLU B 185 -24.94 -3.57 -3.97
CA GLU B 185 -25.38 -2.33 -4.59
C GLU B 185 -25.81 -2.56 -6.03
N LEU B 186 -25.06 -3.38 -6.78
CA LEU B 186 -25.47 -3.76 -8.12
C LEU B 186 -26.85 -4.42 -8.10
N ALA B 187 -27.07 -5.34 -7.17
CA ALA B 187 -28.37 -6.01 -7.09
C ALA B 187 -29.48 -5.00 -6.85
N ALA B 188 -29.22 -3.97 -6.07
CA ALA B 188 -30.24 -2.97 -5.77
C ALA B 188 -30.61 -2.18 -7.02
N TRP B 189 -29.61 -1.71 -7.76
CA TRP B 189 -29.91 -0.93 -8.97
C TRP B 189 -30.59 -1.79 -10.02
N LYS B 190 -30.16 -3.05 -10.14
CA LYS B 190 -30.81 -3.97 -11.07
C LYS B 190 -32.26 -4.22 -10.68
N PHE B 191 -32.53 -4.33 -9.37
CA PHE B 191 -33.91 -4.47 -8.93
C PHE B 191 -34.75 -3.28 -9.38
N MET B 192 -34.21 -2.07 -9.25
CA MET B 192 -34.94 -0.88 -9.64
C MET B 192 -35.29 -0.88 -11.11
N ASP B 193 -34.34 -1.31 -11.96
CA ASP B 193 -34.57 -1.28 -13.39
C ASP B 193 -35.51 -2.39 -13.84
N GLU B 194 -35.43 -3.56 -13.20
CA GLU B 194 -36.23 -4.70 -13.63
C GLU B 194 -37.67 -4.58 -13.11
N ASN B 195 -37.87 -4.11 -11.88
CA ASN B 195 -39.20 -4.07 -11.28
C ASN B 195 -39.88 -2.70 -11.34
N LYS B 196 -39.15 -1.63 -11.66
CA LYS B 196 -39.68 -0.28 -11.79
C LYS B 196 -40.65 0.06 -10.65
N PRO B 197 -40.22 0.00 -9.40
CA PRO B 197 -41.14 0.18 -8.28
C PRO B 197 -41.51 1.65 -8.09
N HIS B 198 -42.47 1.89 -7.18
CA HIS B 198 -43.06 3.23 -7.03
C HIS B 198 -42.14 4.22 -6.33
N PHE B 199 -41.09 3.75 -5.65
CA PHE B 199 -40.19 4.58 -4.87
C PHE B 199 -38.89 4.86 -5.62
N THR B 200 -38.14 5.84 -5.14
CA THR B 200 -36.87 6.25 -5.72
C THR B 200 -35.73 5.78 -4.82
N LEU B 201 -34.67 5.24 -5.43
CA LEU B 201 -33.53 4.73 -4.69
C LEU B 201 -32.35 5.69 -4.79
N ASN B 202 -31.63 5.82 -3.68
CA ASN B 202 -30.35 6.50 -3.62
C ASN B 202 -29.40 5.60 -2.85
N ALA B 203 -28.10 5.69 -3.16
CA ALA B 203 -27.08 4.96 -2.40
C ALA B 203 -26.09 5.93 -1.80
N VAL B 204 -25.76 5.73 -0.52
CA VAL B 204 -24.67 6.45 0.14
C VAL B 204 -23.48 5.52 0.23
N LEU B 205 -22.29 6.03 -0.11
CA LEU B 205 -21.06 5.23 -0.18
C LEU B 205 -20.05 5.82 0.80
N PRO B 206 -20.16 5.50 2.09
CA PRO B 206 -19.19 6.03 3.05
C PRO B 206 -17.82 5.39 2.87
N ASN B 207 -16.77 6.16 3.20
CA ASN B 207 -15.44 5.58 3.27
C ASN B 207 -15.19 5.19 4.73
N TYR B 208 -14.22 5.81 5.39
CA TYR B 208 -13.87 5.44 6.76
C TYR B 208 -14.54 6.42 7.72
N THR B 209 -15.60 5.96 8.39
CA THR B 209 -16.44 6.85 9.18
C THR B 209 -15.89 7.02 10.59
N ILE B 210 -15.69 8.28 10.99
CA ILE B 210 -15.14 8.62 12.30
C ILE B 210 -16.15 9.49 13.03
N GLY B 211 -16.56 9.05 14.21
CA GLY B 211 -17.48 9.84 15.00
C GLY B 211 -17.77 9.14 16.32
N THR B 212 -18.65 9.78 17.09
CA THR B 212 -18.97 9.28 18.42
C THR B 212 -19.58 7.90 18.37
N ILE B 213 -19.12 7.01 19.25
CA ILE B 213 -19.70 5.70 19.42
C ILE B 213 -20.74 5.83 20.52
N PHE B 214 -22.02 5.75 20.14
CA PHE B 214 -23.09 5.98 21.11
C PHE B 214 -23.13 4.90 22.18
N ASP B 215 -22.89 3.64 21.78
CA ASP B 215 -22.94 2.51 22.72
C ASP B 215 -21.72 1.63 22.48
N PRO B 216 -20.63 1.88 23.21
CA PRO B 216 -19.37 1.17 22.95
C PRO B 216 -19.43 -0.33 23.12
N GLU B 217 -20.35 -0.85 23.93
CA GLU B 217 -20.34 -2.29 24.24
C GLU B 217 -20.65 -3.12 23.00
N THR B 218 -21.42 -2.58 22.06
CA THR B 218 -21.85 -3.33 20.90
C THR B 218 -21.40 -2.75 19.57
N GLN B 219 -20.93 -1.50 19.56
CA GLN B 219 -20.60 -0.82 18.31
C GLN B 219 -19.10 -0.75 18.06
N SER B 220 -18.33 -1.58 18.77
CA SER B 220 -16.87 -1.49 18.71
C SER B 220 -16.30 -2.21 17.49
N GLY B 221 -17.09 -3.06 16.83
CA GLY B 221 -16.65 -3.72 15.61
C GLY B 221 -16.93 -2.86 14.39
N SER B 222 -16.53 -1.60 14.48
CA SER B 222 -16.79 -0.59 13.47
C SER B 222 -15.52 0.18 13.16
N THR B 223 -15.54 0.97 12.09
CA THR B 223 -14.38 1.80 11.76
C THR B 223 -13.97 2.66 12.94
N SER B 224 -14.94 3.33 13.58
CA SER B 224 -14.60 4.14 14.74
C SER B 224 -14.17 3.27 15.91
N GLY B 225 -14.78 2.09 16.04
CA GLY B 225 -14.35 1.17 17.08
C GLY B 225 -12.89 0.80 16.97
N TRP B 226 -12.42 0.55 15.74
CA TRP B 226 -11.00 0.24 15.55
C TRP B 226 -10.12 1.41 15.96
N MET B 227 -10.53 2.63 15.59
CA MET B 227 -9.77 3.81 15.97
C MET B 227 -9.76 3.98 17.50
N MET B 228 -10.88 3.66 18.15
CA MET B 228 -10.95 3.76 19.61
C MET B 228 -10.00 2.76 20.27
N SER B 229 -9.89 1.55 19.71
CA SER B 229 -8.95 0.59 20.29
C SER B 229 -7.52 1.07 20.13
N LEU B 230 -7.20 1.71 19.01
CA LEU B 230 -5.90 2.34 18.85
C LEU B 230 -5.68 3.41 19.91
N PHE B 231 -6.66 4.29 20.09
CA PHE B 231 -6.57 5.31 21.13
C PHE B 231 -6.24 4.69 22.48
N ASN B 232 -6.86 3.55 22.79
CA ASN B 232 -6.63 2.87 24.05
C ASN B 232 -5.33 2.08 24.08
N GLY B 233 -4.49 2.20 23.05
CA GLY B 233 -3.19 1.56 23.04
C GLY B 233 -3.12 0.20 22.36
N GLU B 234 -4.21 -0.27 21.76
CA GLU B 234 -4.20 -1.54 21.04
C GLU B 234 -3.73 -1.33 19.60
N VAL B 235 -2.88 -2.25 19.12
CA VAL B 235 -2.33 -2.21 17.77
C VAL B 235 -2.58 -3.54 17.09
N SER B 236 -3.27 -3.51 15.92
CA SER B 236 -3.49 -4.78 15.24
C SER B 236 -2.48 -4.95 14.11
N PRO B 237 -2.06 -6.19 13.82
CA PRO B 237 -1.15 -6.39 12.69
C PRO B 237 -1.77 -5.99 11.36
N ALA B 238 -3.07 -6.26 11.17
CA ALA B 238 -3.77 -5.75 10.01
C ALA B 238 -3.87 -4.23 10.02
N LEU B 239 -3.75 -3.61 11.20
CA LEU B 239 -3.85 -2.17 11.30
C LEU B 239 -2.72 -1.50 10.52
N ALA B 240 -1.51 -2.02 10.63
CA ALA B 240 -0.35 -1.44 9.95
C ALA B 240 -0.29 -1.78 8.47
N LEU B 241 -1.14 -2.69 7.98
CA LEU B 241 -1.20 -2.99 6.57
C LEU B 241 -2.43 -2.40 5.89
N PHE B 242 -3.30 -1.72 6.65
CA PHE B 242 -4.44 -1.04 6.04
C PHE B 242 -3.96 0.10 5.16
N PRO B 243 -4.57 0.31 4.01
CA PRO B 243 -4.14 1.40 3.13
C PRO B 243 -4.61 2.75 3.64
N PRO B 244 -3.90 3.83 3.30
CA PRO B 244 -4.47 5.16 3.50
C PRO B 244 -5.74 5.29 2.69
N THR B 245 -6.68 6.07 3.19
CA THR B 245 -7.98 6.16 2.56
C THR B 245 -8.62 7.49 2.94
N TYR B 246 -9.87 7.69 2.55
CA TYR B 246 -10.61 8.88 2.97
C TYR B 246 -11.38 8.63 4.26
N TYR B 247 -11.41 9.64 5.12
CA TYR B 247 -12.27 9.65 6.29
C TYR B 247 -13.57 10.39 5.95
N VAL B 248 -14.58 10.21 6.80
CA VAL B 248 -15.78 11.04 6.73
C VAL B 248 -16.41 11.06 8.12
N SER B 249 -16.91 12.22 8.53
CA SER B 249 -17.54 12.35 9.84
C SER B 249 -18.83 11.53 9.89
N ALA B 250 -19.07 10.90 11.05
CA ALA B 250 -20.27 10.10 11.23
C ALA B 250 -21.54 10.95 11.17
N VAL B 251 -21.47 12.20 11.63
CA VAL B 251 -22.60 13.11 11.48
C VAL B 251 -22.86 13.39 10.01
N ASP B 252 -21.80 13.67 9.25
CA ASP B 252 -21.94 13.91 7.82
C ASP B 252 -22.55 12.72 7.12
N ILE B 253 -22.15 11.49 7.50
CA ILE B 253 -22.74 10.30 6.88
C ILE B 253 -24.22 10.23 7.20
N GLY B 254 -24.60 10.51 8.45
CA GLY B 254 -26.01 10.55 8.81
C GLY B 254 -26.78 11.60 8.02
N LEU B 255 -26.16 12.78 7.82
CA LEU B 255 -26.79 13.81 7.00
C LEU B 255 -26.92 13.36 5.54
N LEU B 256 -25.91 12.66 5.02
CA LEU B 256 -25.98 12.20 3.63
C LEU B 256 -27.16 11.26 3.43
N HIS B 257 -27.42 10.37 4.40
CA HIS B 257 -28.58 9.51 4.30
C HIS B 257 -29.87 10.32 4.41
N LEU B 258 -29.89 11.32 5.30
CA LEU B 258 -31.09 12.14 5.44
C LEU B 258 -31.42 12.88 4.15
N GLY B 259 -30.42 13.49 3.54
CA GLY B 259 -30.66 14.13 2.25
C GLY B 259 -31.15 13.15 1.20
N CYS B 260 -30.52 11.97 1.13
CA CYS B 260 -30.97 10.94 0.19
C CYS B 260 -32.42 10.54 0.44
N LEU B 261 -32.91 10.66 1.67
CA LEU B 261 -34.27 10.28 1.99
C LEU B 261 -35.28 11.39 1.72
N VAL B 262 -34.92 12.66 1.91
CA VAL B 262 -35.90 13.73 1.89
C VAL B 262 -35.66 14.79 0.82
N LEU B 263 -34.48 14.85 0.19
CA LEU B 263 -34.27 16.03 -0.66
C LEU B 263 -34.77 15.78 -2.08
N PRO B 264 -35.55 16.70 -2.66
CA PRO B 264 -36.12 16.46 -3.99
C PRO B 264 -35.10 16.45 -5.11
N GLN B 265 -33.97 17.13 -4.97
CA GLN B 265 -32.97 17.20 -6.04
C GLN B 265 -32.10 15.96 -6.12
N ILE B 266 -32.29 14.98 -5.25
CA ILE B 266 -31.40 13.83 -5.10
C ILE B 266 -32.19 12.59 -5.47
N GLU B 267 -31.99 12.10 -6.69
CA GLU B 267 -32.70 10.92 -7.17
C GLU B 267 -31.74 10.06 -8.00
N ARG B 268 -31.71 8.76 -7.70
CA ARG B 268 -30.91 7.78 -8.45
C ARG B 268 -29.41 8.16 -8.43
N ARG B 269 -28.94 8.52 -7.25
CA ARG B 269 -27.57 8.99 -7.08
C ARG B 269 -26.75 8.00 -6.26
N ARG B 270 -25.43 8.05 -6.47
CA ARG B 270 -24.47 7.35 -5.63
C ARG B 270 -23.63 8.43 -4.96
N VAL B 271 -23.80 8.59 -3.66
CA VAL B 271 -23.28 9.76 -2.93
C VAL B 271 -22.09 9.31 -2.09
N TYR B 272 -20.93 9.87 -2.41
CA TYR B 272 -19.67 9.45 -1.81
C TYR B 272 -19.49 10.14 -0.46
N GLY B 273 -19.22 9.35 0.58
CA GLY B 273 -18.81 9.91 1.86
C GLY B 273 -17.30 9.99 2.00
N THR B 274 -16.67 10.98 1.36
CA THR B 274 -15.20 11.06 1.26
C THR B 274 -14.79 12.51 1.53
N ALA B 275 -14.48 12.83 2.80
CA ALA B 275 -14.18 14.20 3.16
C ALA B 275 -12.73 14.56 2.83
N GLY B 276 -11.79 13.72 3.21
CA GLY B 276 -10.38 13.97 2.96
C GLY B 276 -9.56 12.73 3.28
N THR B 277 -8.32 12.74 2.80
CA THR B 277 -7.43 11.61 3.01
C THR B 277 -6.78 11.65 4.39
N PHE B 278 -6.36 10.48 4.85
CA PHE B 278 -5.70 10.35 6.15
C PHE B 278 -4.94 9.02 6.20
N ASP B 279 -4.08 8.90 7.20
CA ASP B 279 -3.45 7.63 7.56
C ASP B 279 -3.41 7.53 9.08
N TRP B 280 -2.86 6.41 9.57
CA TRP B 280 -2.88 6.16 11.01
C TRP B 280 -1.99 7.15 11.75
N ASN B 281 -0.94 7.67 11.11
CA ASN B 281 -0.06 8.61 11.79
C ASN B 281 -0.69 9.99 11.93
N THR B 282 -1.59 10.38 11.03
CA THR B 282 -2.37 11.60 11.25
C THR B 282 -3.31 11.42 12.42
N VAL B 283 -3.94 10.25 12.52
CA VAL B 283 -4.78 9.93 13.68
C VAL B 283 -3.96 10.02 14.97
N LEU B 284 -2.79 9.39 14.98
CA LEU B 284 -1.97 9.37 16.18
C LEU B 284 -1.54 10.77 16.58
N ALA B 285 -1.19 11.61 15.60
CA ALA B 285 -0.83 12.99 15.88
C ALA B 285 -1.98 13.74 16.52
N THR B 286 -3.21 13.53 16.02
CA THR B 286 -4.38 14.17 16.62
C THR B 286 -4.64 13.64 18.02
N PHE B 287 -4.47 12.33 18.25
CA PHE B 287 -4.58 11.79 19.61
C PHE B 287 -3.64 12.51 20.55
N ARG B 288 -2.38 12.69 20.11
CA ARG B 288 -1.36 13.26 20.97
C ARG B 288 -1.65 14.72 21.30
N LYS B 289 -2.25 15.45 20.37
CA LYS B 289 -2.57 16.85 20.64
C LYS B 289 -3.76 16.96 21.58
N LEU B 290 -4.76 16.07 21.40
CA LEU B 290 -5.97 16.13 22.22
C LEU B 290 -5.72 15.67 23.65
N TYR B 291 -4.77 14.77 23.84
CA TYR B 291 -4.43 14.23 25.16
C TYR B 291 -2.92 14.30 25.33
N PRO B 292 -2.38 15.49 25.65
CA PRO B 292 -0.92 15.61 25.76
C PRO B 292 -0.30 14.73 26.84
N SER B 293 -1.04 14.46 27.92
CA SER B 293 -0.51 13.65 29.00
C SER B 293 -0.53 12.16 28.69
N LYS B 294 -1.45 11.73 27.82
CA LYS B 294 -1.62 10.31 27.53
C LYS B 294 -0.47 9.77 26.69
N THR B 295 -0.15 8.50 26.90
CA THR B 295 0.81 7.80 26.07
C THR B 295 0.06 7.01 25.00
N PHE B 296 0.62 6.99 23.81
CA PHE B 296 -0.02 6.42 22.63
C PHE B 296 0.96 5.52 21.92
N PRO B 297 0.48 4.59 21.08
CA PRO B 297 1.40 3.76 20.30
C PRO B 297 2.32 4.62 19.43
N ALA B 298 3.44 4.01 19.03
CA ALA B 298 4.38 4.70 18.16
C ALA B 298 3.79 4.83 16.76
N ASP B 299 4.36 5.77 16.00
CA ASP B 299 3.89 5.99 14.62
C ASP B 299 4.05 4.71 13.80
N PHE B 300 3.09 4.45 12.93
CA PHE B 300 3.15 3.27 12.04
C PHE B 300 4.18 3.48 10.92
N PRO B 301 4.71 2.40 10.32
CA PRO B 301 5.59 2.52 9.17
C PRO B 301 4.78 3.11 8.01
N ASP B 302 5.44 3.81 7.10
CA ASP B 302 4.68 4.54 6.06
C ASP B 302 3.82 3.55 5.27
N GLN B 303 2.54 3.91 5.06
CA GLN B 303 1.61 3.06 4.26
C GLN B 303 1.45 3.68 2.88
N GLY B 304 2.21 4.72 2.57
CA GLY B 304 2.02 5.44 1.30
C GLY B 304 0.92 6.48 1.38
N GLN B 305 0.50 7.02 0.24
CA GLN B 305 -0.52 8.10 0.23
C GLN B 305 -1.65 7.76 -0.74
N ASP B 306 -2.88 8.13 -0.40
CA ASP B 306 -4.01 7.92 -1.29
C ASP B 306 -4.12 9.11 -2.25
N LEU B 307 -3.87 8.85 -3.52
CA LEU B 307 -3.92 9.87 -4.56
C LEU B 307 -5.25 9.90 -5.29
N SER B 308 -6.21 9.05 -4.90
CA SER B 308 -7.50 9.03 -5.55
C SER B 308 -8.30 10.31 -5.24
N LYS B 309 -9.25 10.59 -6.11
CA LYS B 309 -10.17 11.72 -5.97
C LYS B 309 -11.57 11.24 -6.27
N PHE B 310 -12.55 11.78 -5.56
CA PHE B 310 -13.94 11.38 -5.68
C PHE B 310 -14.80 12.54 -6.14
N ASP B 311 -15.82 12.22 -6.93
CA ASP B 311 -16.81 13.22 -7.35
C ASP B 311 -17.80 13.40 -6.21
N THR B 312 -17.57 14.43 -5.40
CA THR B 312 -18.38 14.68 -4.22
C THR B 312 -19.44 15.75 -4.45
N ALA B 313 -19.80 16.00 -5.71
CA ALA B 313 -20.75 17.07 -6.00
C ALA B 313 -22.11 16.86 -5.35
N PRO B 314 -22.77 15.70 -5.50
CA PRO B 314 -24.05 15.52 -4.79
C PRO B 314 -23.90 15.50 -3.28
N SER B 315 -22.77 14.99 -2.76
CA SER B 315 -22.58 15.01 -1.31
C SER B 315 -22.56 16.45 -0.79
N LEU B 316 -21.77 17.31 -1.43
CA LEU B 316 -21.69 18.70 -0.98
C LEU B 316 -23.02 19.42 -1.18
N GLU B 317 -23.76 19.10 -2.25
CA GLU B 317 -25.11 19.66 -2.41
C GLU B 317 -26.00 19.28 -1.24
N ILE B 318 -25.97 18.01 -0.83
CA ILE B 318 -26.82 17.57 0.28
C ILE B 318 -26.42 18.31 1.55
N LEU B 319 -25.11 18.40 1.79
CA LEU B 319 -24.63 19.07 3.00
C LEU B 319 -25.07 20.53 3.01
N LYS B 320 -24.99 21.20 1.86
CA LYS B 320 -25.43 22.59 1.78
C LYS B 320 -26.93 22.71 2.05
N SER B 321 -27.74 21.84 1.43
CA SER B 321 -29.18 21.89 1.65
C SER B 321 -29.55 21.67 3.10
N LEU B 322 -28.77 20.89 3.84
CA LEU B 322 -29.04 20.60 5.25
C LEU B 322 -28.30 21.54 6.19
N GLY B 323 -27.77 22.65 5.68
CA GLY B 323 -27.26 23.69 6.54
C GLY B 323 -25.79 23.58 6.90
N ARG B 324 -25.00 22.85 6.15
CA ARG B 324 -23.61 22.73 6.53
C ARG B 324 -22.72 23.46 5.53
N PRO B 325 -21.61 24.05 5.99
CA PRO B 325 -20.69 24.71 5.05
C PRO B 325 -19.91 23.74 4.19
N GLY B 326 -19.80 22.49 4.62
CA GLY B 326 -18.97 21.52 3.92
C GLY B 326 -18.75 20.31 4.81
N TRP B 327 -17.69 19.58 4.53
CA TRP B 327 -17.34 18.42 5.35
C TRP B 327 -16.85 18.87 6.73
N ARG B 328 -17.23 18.12 7.75
CA ARG B 328 -16.63 18.26 9.06
C ARG B 328 -15.17 17.79 9.01
N SER B 329 -14.30 18.49 9.73
CA SER B 329 -12.88 18.22 9.66
C SER B 329 -12.52 16.93 10.38
N ILE B 330 -11.36 16.35 10.01
CA ILE B 330 -10.94 15.12 10.69
C ILE B 330 -10.63 15.40 12.14
N GLU B 331 -10.09 16.58 12.45
CA GLU B 331 -9.78 16.89 13.84
C GLU B 331 -11.06 16.96 14.67
N GLU B 332 -12.09 17.61 14.13
CA GLU B 332 -13.38 17.62 14.81
C GLU B 332 -14.00 16.23 14.86
N SER B 333 -13.86 15.46 13.78
CA SER B 333 -14.40 14.11 13.76
C SER B 333 -13.73 13.22 14.79
N ILE B 334 -12.40 13.30 14.89
CA ILE B 334 -11.68 12.51 15.88
C ILE B 334 -12.06 12.95 17.29
N LYS B 335 -12.23 14.27 17.49
CA LYS B 335 -12.65 14.77 18.79
C LYS B 335 -14.05 14.25 19.15
N ASP B 336 -14.93 14.14 18.16
CA ASP B 336 -16.22 13.49 18.40
C ASP B 336 -16.05 12.09 18.95
N LEU B 337 -14.99 11.38 18.54
CA LEU B 337 -14.80 10.00 18.95
C LEU B 337 -14.16 9.90 20.33
N VAL B 338 -13.04 10.59 20.55
CA VAL B 338 -12.22 10.38 21.73
C VAL B 338 -12.29 11.51 22.75
N GLY B 339 -12.90 12.64 22.40
CA GLY B 339 -12.94 13.77 23.32
C GLY B 339 -11.61 14.49 23.38
N SER B 340 -11.46 15.30 24.44
CA SER B 340 -10.22 16.01 24.71
C SER B 340 -9.88 15.87 26.18
N GLU B 341 -8.58 15.96 26.47
CA GLU B 341 -8.10 15.77 27.84
C GLU B 341 -8.60 16.90 28.73
N THR B 342 -9.15 16.54 29.89
CA THR B 342 -9.68 17.50 30.84
C THR B 342 -9.16 17.21 32.24
N ALA B 343 -8.83 18.26 32.97
CA ALA B 343 -8.51 18.18 34.38
C ALA B 343 -9.75 18.57 35.17
N ILE B 344 -10.40 17.58 35.77
CA ILE B 344 -11.63 17.86 36.51
C ILE B 344 -11.25 18.32 37.92
N GLN B 345 -11.84 19.41 38.36
CA GLN B 345 -11.47 20.02 39.62
C GLN B 345 -12.37 19.52 40.73
#